data_4UD8
#
_entry.id   4UD8
#
_cell.length_a   63.596
_cell.length_b   94.742
_cell.length_c   188.298
_cell.angle_alpha   90.00
_cell.angle_beta   90.00
_cell.angle_gamma   90.00
#
_symmetry.space_group_name_H-M   'P 21 21 21'
#
loop_
_entity.id
_entity.type
_entity.pdbx_description
1 polymer 'FAD-BINDING AND BBE DOMAIN-CONTAINING PROTEIN'
2 branched 2-acetamido-2-deoxy-beta-D-glucopyranose-(1-4)-2-acetamido-2-deoxy-beta-D-glucopyranose
3 non-polymer 'FLAVIN-ADENINE DINUCLEOTIDE'
4 non-polymer 2-acetamido-2-deoxy-beta-D-glucopyranose
5 non-polymer 3,6,9,12,15,18,21,24-OCTAOXAHEXACOSAN-1-OL
6 non-polymer 'SODIUM ION'
7 non-polymer 'POTASSIUM ION'
8 water water
#
_entity_poly.entity_id   1
_entity_poly.type   'polypeptide(L)'
_entity_poly.pdbx_seq_one_letter_code
;MAFAISKRNATLFLVTLLLISVPLSSSTLQQDFVKCLVDNSDVSFPITASFFSPDQNATLFKEELESTAQNLRYLTPSNP
KPVFIFEPLYETHVQAAVVCAKKLQLHLRLRSGGHDYEGLSFVAEDETPFVIVDLSKLRQVDVDLDSNSAWAHAGATIGE
VYYRIQEKSQTHGFPAGLCSSLGIGGHLVGGAYGSMMRKFGLGADNVLDARIVDANGQILDRAAMGEDVFWAIRGGGGGS
FGVILAWKIKLVPVPATVTVFTVTKTLEQDGTKVLYKWEQIADKLDDDLFIRVIISPASKTTKPGNRTISMSYQAQFLGD
SNRLLQVMQKSFPELGLTKKDCTEMSWIKSVMYIAGFPNSAAPEALLAGKSLFKNHFKAKSDFVKEPIPVEGLEGLWERF
LEEDSPLTIWNPYGGMMSRISESEIPFPHRNGTLFKIQWLSTWQDGKVSEERHMKWIREMYSYMEQYVSKNPRQAYVNYR
DLDLGTNEGETDAREWGAKYYKGNFERLVKIKGEFDPDNFFRHEQSVPTKIG
;
_entity_poly.pdbx_strand_id   A,B
#
loop_
_chem_comp.id
_chem_comp.type
_chem_comp.name
_chem_comp.formula
FAD non-polymer 'FLAVIN-ADENINE DINUCLEOTIDE' 'C27 H33 N9 O15 P2'
K non-polymer 'POTASSIUM ION' 'K 1'
NA non-polymer 'SODIUM ION' 'Na 1'
NAG D-saccharide, beta linking 2-acetamido-2-deoxy-beta-D-glucopyranose 'C8 H15 N O6'
PE5 non-polymer 3,6,9,12,15,18,21,24-OCTAOXAHEXACOSAN-1-OL 'C18 H38 O9'
#
# COMPACT_ATOMS: atom_id res chain seq x y z
N SER A 27 6.25 43.69 24.70
CA SER A 27 6.96 42.62 24.02
C SER A 27 6.60 41.26 24.62
N THR A 28 5.34 40.84 24.44
CA THR A 28 4.85 39.61 25.06
C THR A 28 5.20 38.37 24.26
N LEU A 29 4.95 37.21 24.87
CA LEU A 29 5.21 35.91 24.25
C LEU A 29 4.41 35.74 22.97
N GLN A 30 3.17 36.23 22.97
CA GLN A 30 2.30 36.12 21.82
C GLN A 30 2.71 37.06 20.69
N GLN A 31 3.20 38.24 21.06
CA GLN A 31 3.69 39.21 20.08
C GLN A 31 4.93 38.66 19.37
N ASP A 32 5.80 38.01 20.13
CA ASP A 32 6.94 37.32 19.55
C ASP A 32 6.49 36.17 18.65
N PHE A 33 5.47 35.44 19.10
CA PHE A 33 4.95 34.31 18.33
C PHE A 33 4.38 34.75 16.99
N VAL A 34 3.57 35.80 17.01
CA VAL A 34 2.97 36.33 15.78
C VAL A 34 4.03 36.89 14.84
N LYS A 35 5.01 37.61 15.38
CA LYS A 35 6.11 38.16 14.58
C LYS A 35 6.89 37.06 13.89
N CYS A 36 7.12 35.94 14.58
CA CYS A 36 7.76 34.79 13.97
C CYS A 36 6.85 34.22 12.88
N LEU A 37 5.55 34.21 13.14
CA LEU A 37 4.57 33.69 12.19
C LEU A 37 4.54 34.48 10.89
N VAL A 38 4.42 35.80 10.98
CA VAL A 38 4.30 36.63 9.78
C VAL A 38 5.63 36.82 9.06
N ASP A 39 6.75 36.61 9.78
CA ASP A 39 8.07 36.66 9.15
C ASP A 39 8.28 35.47 8.22
N ASN A 40 7.37 34.50 8.30
CA ASN A 40 7.23 33.44 7.33
C ASN A 40 6.53 34.01 6.09
N SER A 41 7.08 33.73 4.91
CA SER A 41 6.57 34.31 3.66
C SER A 41 5.15 33.86 3.29
N ASP A 42 4.63 32.87 3.99
CA ASP A 42 3.27 32.39 3.74
C ASP A 42 2.28 32.91 4.78
N PHE A 45 -0.91 36.65 5.40
CA PHE A 45 -2.26 36.47 5.93
C PHE A 45 -2.39 37.14 7.31
N PRO A 46 -3.55 37.76 7.59
CA PRO A 46 -3.86 38.50 8.82
C PRO A 46 -3.61 37.74 10.13
N ILE A 47 -4.29 36.61 10.35
CA ILE A 47 -4.03 35.71 11.48
C ILE A 47 -4.58 36.15 12.86
N THR A 48 -4.75 37.45 13.08
CA THR A 48 -5.24 37.97 14.37
C THR A 48 -6.51 37.27 14.86
N ALA A 49 -7.48 37.09 13.95
CA ALA A 49 -8.74 36.44 14.29
C ALA A 49 -8.61 34.92 14.40
N SER A 50 -7.40 34.41 14.20
CA SER A 50 -7.12 33.00 14.40
C SER A 50 -6.38 32.78 15.71
N PHE A 51 -6.24 33.87 16.47
CA PHE A 51 -5.58 33.81 17.78
C PHE A 51 -6.58 34.01 18.91
N PHE A 52 -6.36 33.30 20.01
CA PHE A 52 -7.18 33.44 21.20
C PHE A 52 -6.29 33.46 22.43
N SER A 53 -6.51 34.44 23.30
CA SER A 53 -5.68 34.62 24.48
C SER A 53 -6.49 35.31 25.57
N PRO A 54 -6.08 35.13 26.83
CA PRO A 54 -6.76 35.83 27.93
C PRO A 54 -6.69 37.35 27.76
N ASP A 55 -5.58 37.83 27.18
CA ASP A 55 -5.37 39.27 27.02
C ASP A 55 -6.19 39.90 25.89
N GLN A 56 -6.29 39.20 24.75
CA GLN A 56 -7.19 39.60 23.68
C GLN A 56 -8.62 39.69 24.19
N ASN A 57 -9.17 38.51 24.48
CA ASN A 57 -10.54 38.37 24.93
C ASN A 57 -10.68 37.11 25.76
N ALA A 58 -10.72 37.28 27.08
CA ALA A 58 -10.81 36.16 28.02
C ALA A 58 -12.07 35.31 27.79
N THR A 59 -13.19 35.98 27.52
CA THR A 59 -14.45 35.30 27.29
C THR A 59 -14.40 34.43 26.03
N LEU A 60 -13.83 34.97 24.96
CA LEU A 60 -13.70 34.27 23.69
C LEU A 60 -12.70 33.12 23.79
N PHE A 61 -11.58 33.38 24.46
CA PHE A 61 -10.53 32.38 24.68
C PHE A 61 -11.05 31.14 25.40
N LYS A 62 -11.84 31.36 26.45
CA LYS A 62 -12.45 30.27 27.21
C LYS A 62 -13.35 29.42 26.33
N GLU A 63 -14.19 30.09 25.54
CA GLU A 63 -15.13 29.39 24.65
C GLU A 63 -14.40 28.61 23.57
N GLU A 64 -13.28 29.14 23.09
CA GLU A 64 -12.49 28.44 22.08
C GLU A 64 -11.84 27.21 22.69
N LEU A 65 -11.40 27.34 23.93
CA LEU A 65 -10.78 26.25 24.67
C LEU A 65 -11.77 25.12 24.90
N GLU A 66 -12.99 25.48 25.30
CA GLU A 66 -14.01 24.49 25.63
C GLU A 66 -14.69 23.89 24.40
N SER A 67 -14.68 24.62 23.29
CA SER A 67 -15.43 24.27 22.08
C SER A 67 -15.45 22.79 21.72
N THR A 68 -14.28 22.21 21.44
CA THR A 68 -14.19 20.79 21.08
C THR A 68 -13.68 19.90 22.19
N ALA A 69 -13.29 20.49 23.31
CA ALA A 69 -12.85 19.72 24.47
C ALA A 69 -13.99 18.86 25.00
N GLN A 70 -13.78 17.55 25.03
CA GLN A 70 -14.88 16.63 25.35
C GLN A 70 -14.98 16.26 26.83
N ASN A 71 -13.85 16.00 27.47
CA ASN A 71 -13.87 15.63 28.89
C ASN A 71 -13.87 16.86 29.80
N LEU A 72 -15.03 17.15 30.38
CA LEU A 72 -15.19 18.33 31.22
C LEU A 72 -14.28 18.32 32.44
N ARG A 73 -13.82 17.13 32.83
CA ARG A 73 -12.90 16.98 33.96
C ARG A 73 -11.63 17.81 33.76
N TYR A 74 -11.26 18.02 32.50
CA TYR A 74 -10.05 18.75 32.17
C TYR A 74 -10.29 20.21 31.78
N LEU A 75 -11.49 20.71 32.06
CA LEU A 75 -11.82 22.10 31.76
C LEU A 75 -12.07 22.91 33.02
N THR A 76 -11.94 22.26 34.17
CA THR A 76 -12.08 22.93 35.47
C THR A 76 -10.91 23.91 35.67
N PRO A 77 -11.12 24.95 36.50
CA PRO A 77 -10.10 25.98 36.72
C PRO A 77 -8.76 25.45 37.24
N SER A 78 -8.79 24.32 37.95
CA SER A 78 -7.58 23.72 38.48
C SER A 78 -6.60 23.29 37.38
N ASN A 79 -7.13 22.98 36.20
CA ASN A 79 -6.30 22.55 35.07
C ASN A 79 -5.45 23.68 34.48
N PRO A 80 -4.17 23.38 34.21
CA PRO A 80 -3.25 24.30 33.53
C PRO A 80 -3.81 24.77 32.19
N LYS A 81 -3.75 26.07 31.93
CA LYS A 81 -4.31 26.65 30.72
C LYS A 81 -3.20 27.04 29.76
N PRO A 82 -3.48 26.98 28.44
CA PRO A 82 -2.47 27.41 27.45
C PRO A 82 -2.31 28.92 27.47
N VAL A 83 -1.13 29.42 27.12
CA VAL A 83 -0.94 30.87 27.04
C VAL A 83 -1.83 31.44 25.95
N PHE A 84 -1.94 30.70 24.85
CA PHE A 84 -2.86 31.06 23.78
C PHE A 84 -3.18 29.88 22.87
N ILE A 85 -4.23 30.04 22.06
CA ILE A 85 -4.61 29.03 21.09
C ILE A 85 -4.45 29.62 19.69
N PHE A 86 -3.89 28.82 18.77
CA PHE A 86 -3.75 29.26 17.40
C PHE A 86 -4.49 28.31 16.45
N GLU A 87 -5.38 28.87 15.64
CA GLU A 87 -6.14 28.08 14.66
C GLU A 87 -5.68 28.35 13.24
N PRO A 88 -4.73 27.55 12.75
CA PRO A 88 -4.22 27.73 11.37
C PRO A 88 -5.30 27.53 10.32
N LEU A 89 -5.21 28.28 9.23
CA LEU A 89 -6.19 28.21 8.16
C LEU A 89 -5.67 27.43 6.95
N TYR A 90 -4.35 27.31 6.86
CA TYR A 90 -3.72 26.53 5.79
C TYR A 90 -2.64 25.62 6.36
N GLU A 91 -2.13 24.71 5.52
CA GLU A 91 -1.07 23.81 5.93
C GLU A 91 0.26 24.56 6.18
N THR A 92 0.42 25.70 5.51
CA THR A 92 1.62 26.51 5.71
C THR A 92 1.66 27.14 7.08
N HIS A 93 0.48 27.42 7.64
CA HIS A 93 0.39 28.00 8.98
C HIS A 93 0.76 26.97 10.05
N VAL A 94 0.46 25.70 9.76
CA VAL A 94 0.85 24.62 10.66
C VAL A 94 2.38 24.49 10.67
N GLN A 95 2.98 24.55 9.49
CA GLN A 95 4.44 24.51 9.37
C GLN A 95 5.09 25.65 10.15
N ALA A 96 4.56 26.85 9.97
CA ALA A 96 5.12 28.03 10.63
C ALA A 96 4.98 27.94 12.15
N ALA A 97 3.87 27.37 12.60
CA ALA A 97 3.62 27.21 14.03
C ALA A 97 4.64 26.28 14.68
N VAL A 98 4.98 25.20 13.98
CA VAL A 98 6.00 24.26 14.45
C VAL A 98 7.36 24.96 14.53
N VAL A 99 7.74 25.60 13.44
CA VAL A 99 8.99 26.35 13.36
C VAL A 99 9.10 27.38 14.49
N CYS A 100 8.05 28.17 14.66
CA CYS A 100 8.07 29.27 15.64
C CYS A 100 8.02 28.81 17.09
N ALA A 101 7.23 27.77 17.36
CA ALA A 101 7.14 27.23 18.71
C ALA A 101 8.50 26.68 19.16
N LYS A 102 9.18 26.03 18.23
CA LYS A 102 10.49 25.45 18.49
C LYS A 102 11.52 26.55 18.74
N LYS A 103 11.42 27.62 17.97
CA LYS A 103 12.34 28.74 18.02
C LYS A 103 12.18 29.54 19.32
N LEU A 104 10.96 29.55 19.85
CA LEU A 104 10.67 30.26 21.08
C LEU A 104 10.64 29.32 22.29
N GLN A 105 11.04 28.06 22.06
CA GLN A 105 11.05 27.03 23.10
C GLN A 105 9.67 26.95 23.76
N LEU A 106 8.63 26.93 22.91
CA LEU A 106 7.27 26.95 23.39
C LEU A 106 6.65 25.57 23.20
N HIS A 107 6.16 24.97 24.28
CA HIS A 107 5.61 23.63 24.22
C HIS A 107 4.31 23.59 23.41
N LEU A 108 4.20 22.60 22.53
CA LEU A 108 3.05 22.49 21.64
C LEU A 108 2.13 21.32 22.00
N ARG A 109 0.84 21.58 22.03
CA ARG A 109 -0.18 20.53 22.09
C ARG A 109 -1.09 20.67 20.88
N LEU A 110 -1.29 19.56 20.16
CA LEU A 110 -2.12 19.55 18.96
C LEU A 110 -3.54 19.13 19.28
N ARG A 111 -4.53 19.80 18.68
CA ARG A 111 -5.91 19.37 18.85
C ARG A 111 -6.65 19.33 17.53
N SER A 112 -7.27 18.19 17.25
CA SER A 112 -8.12 18.06 16.08
C SER A 112 -9.58 17.98 16.51
N GLY A 113 -9.97 16.83 17.06
CA GLY A 113 -11.36 16.61 17.45
C GLY A 113 -11.64 16.87 18.92
N GLY A 114 -10.62 16.77 19.76
CA GLY A 114 -10.73 17.11 21.17
C GLY A 114 -11.28 16.00 22.06
N HIS A 115 -11.25 14.77 21.57
CA HIS A 115 -11.85 13.65 22.30
C HIS A 115 -10.92 12.94 23.29
N ASP A 116 -9.69 13.42 23.42
CA ASP A 116 -8.72 12.73 24.28
C ASP A 116 -9.26 12.49 25.68
N TYR A 117 -9.16 11.24 26.12
CA TYR A 117 -9.75 10.84 27.39
C TYR A 117 -9.05 11.48 28.59
N GLU A 118 -7.78 11.83 28.41
CA GLU A 118 -7.01 12.45 29.48
C GLU A 118 -6.71 13.92 29.19
N GLY A 119 -7.46 14.49 28.24
CA GLY A 119 -7.34 15.89 27.89
C GLY A 119 -5.96 16.30 27.39
N LEU A 120 -5.23 15.35 26.82
CA LEU A 120 -3.85 15.58 26.41
C LEU A 120 -3.70 16.61 25.30
N SER A 121 -4.78 16.91 24.61
CA SER A 121 -4.74 17.83 23.47
C SER A 121 -5.00 19.28 23.86
N PHE A 122 -5.38 19.51 25.11
CA PHE A 122 -5.65 20.88 25.56
C PHE A 122 -5.19 21.17 26.99
N VAL A 123 -4.64 20.16 27.66
CA VAL A 123 -4.09 20.32 29.00
C VAL A 123 -2.73 19.65 29.13
N ALA A 124 -1.71 20.44 29.46
CA ALA A 124 -0.36 19.91 29.63
C ALA A 124 0.11 20.08 31.07
N GLU A 125 0.72 19.03 31.62
CA GLU A 125 1.22 19.08 32.99
C GLU A 125 2.68 19.49 33.04
N ASP A 126 2.99 20.51 33.84
CA ASP A 126 4.36 20.95 34.09
C ASP A 126 5.15 21.26 32.81
N GLU A 127 4.46 21.91 31.88
CA GLU A 127 5.10 22.41 30.67
C GLU A 127 4.63 23.85 30.45
N THR A 128 4.78 24.66 31.49
CA THR A 128 4.50 26.09 31.40
C THR A 128 5.69 26.78 30.75
N PRO A 129 5.45 27.52 29.66
CA PRO A 129 4.14 27.73 29.03
C PRO A 129 3.88 26.76 27.88
N PHE A 130 2.61 26.52 27.57
CA PHE A 130 2.26 25.72 26.40
C PHE A 130 1.21 26.40 25.52
N VAL A 131 1.16 26.01 24.25
CA VAL A 131 0.23 26.57 23.29
C VAL A 131 -0.56 25.44 22.63
N ILE A 132 -1.83 25.66 22.34
CA ILE A 132 -2.62 24.69 21.60
C ILE A 132 -2.69 25.11 20.12
N VAL A 133 -2.25 24.24 19.23
CA VAL A 133 -2.48 24.43 17.80
C VAL A 133 -3.71 23.62 17.43
N ASP A 134 -4.82 24.31 17.18
CA ASP A 134 -6.08 23.65 16.92
C ASP A 134 -6.34 23.59 15.41
N LEU A 135 -6.55 22.37 14.90
CA LEU A 135 -6.63 22.16 13.47
C LEU A 135 -8.06 22.08 12.95
N SER A 136 -9.00 22.67 13.68
CA SER A 136 -10.41 22.54 13.36
C SER A 136 -10.86 23.32 12.13
N LYS A 137 -9.96 24.09 11.51
CA LYS A 137 -10.32 24.82 10.29
C LYS A 137 -9.83 24.09 9.04
N LEU A 138 -9.08 23.01 9.24
CA LEU A 138 -8.65 22.17 8.13
C LEU A 138 -9.52 20.92 8.08
N ARG A 139 -10.66 21.02 7.38
CA ARG A 139 -11.64 19.93 7.36
C ARG A 139 -11.97 19.46 5.95
N GLN A 140 -11.06 19.71 5.01
CA GLN A 140 -11.32 19.31 3.63
C GLN A 140 -11.37 17.80 3.49
N VAL A 141 -12.38 17.33 2.75
CA VAL A 141 -12.54 15.91 2.45
C VAL A 141 -12.79 15.76 0.95
N ASP A 142 -11.87 15.11 0.25
CA ASP A 142 -12.03 14.87 -1.18
C ASP A 142 -12.13 13.38 -1.48
N VAL A 143 -13.29 12.95 -1.98
CA VAL A 143 -13.56 11.54 -2.27
C VAL A 143 -13.34 11.24 -3.75
N ASP A 144 -12.59 10.17 -4.03
CA ASP A 144 -12.37 9.75 -5.41
C ASP A 144 -12.69 8.27 -5.60
N LEU A 145 -13.93 7.98 -5.99
CA LEU A 145 -14.41 6.61 -6.13
C LEU A 145 -13.60 5.78 -7.14
N ASP A 146 -13.22 6.41 -8.25
CA ASP A 146 -12.49 5.72 -9.31
C ASP A 146 -11.21 5.05 -8.82
N SER A 147 -10.61 5.61 -7.77
CA SER A 147 -9.43 5.01 -7.15
C SER A 147 -9.78 4.42 -5.80
N ASN A 148 -11.09 4.41 -5.49
CA ASN A 148 -11.59 3.84 -4.24
C ASN A 148 -10.88 4.42 -3.01
N SER A 149 -10.62 5.72 -3.03
CA SER A 149 -9.88 6.36 -1.95
C SER A 149 -10.39 7.76 -1.66
N ALA A 150 -9.90 8.35 -0.58
CA ALA A 150 -10.27 9.71 -0.20
C ALA A 150 -9.16 10.37 0.62
N TRP A 151 -9.01 11.69 0.45
CA TRP A 151 -8.14 12.47 1.31
C TRP A 151 -8.98 13.20 2.36
N ALA A 152 -8.64 13.02 3.62
CA ALA A 152 -9.34 13.70 4.70
C ALA A 152 -8.35 14.46 5.57
N HIS A 153 -8.60 15.75 5.76
CA HIS A 153 -7.72 16.58 6.59
C HIS A 153 -7.98 16.35 8.08
N ALA A 154 -7.00 16.73 8.91
CA ALA A 154 -7.01 16.40 10.34
C ALA A 154 -8.20 16.95 11.12
N GLY A 155 -8.70 18.11 10.73
CA GLY A 155 -9.78 18.76 11.47
C GLY A 155 -11.17 18.24 11.13
N ALA A 156 -11.26 17.46 10.06
CA ALA A 156 -12.53 16.84 9.70
C ALA A 156 -12.88 15.82 10.77
N THR A 157 -14.17 15.70 11.10
CA THR A 157 -14.63 14.63 11.97
C THR A 157 -14.89 13.40 11.12
N ILE A 158 -14.84 12.22 11.73
CA ILE A 158 -15.09 10.99 11.01
C ILE A 158 -16.52 10.97 10.46
N GLY A 159 -17.42 11.71 11.11
CA GLY A 159 -18.79 11.83 10.64
C GLY A 159 -18.82 12.54 9.30
N GLU A 160 -18.05 13.62 9.19
CA GLU A 160 -17.93 14.37 7.95
C GLU A 160 -17.36 13.48 6.83
N VAL A 161 -16.36 12.68 7.16
CA VAL A 161 -15.78 11.75 6.20
C VAL A 161 -16.83 10.73 5.74
N TYR A 162 -17.52 10.15 6.72
CA TYR A 162 -18.59 9.20 6.43
C TYR A 162 -19.63 9.83 5.50
N TYR A 163 -20.05 11.06 5.82
CA TYR A 163 -21.07 11.74 5.02
C TYR A 163 -20.62 11.98 3.58
N ARG A 164 -19.38 12.42 3.41
CA ARG A 164 -18.87 12.73 2.08
C ARG A 164 -18.73 11.48 1.22
N ILE A 165 -18.40 10.36 1.85
CA ILE A 165 -18.28 9.10 1.14
C ILE A 165 -19.64 8.65 0.62
N GLN A 166 -20.62 8.57 1.51
CA GLN A 166 -21.96 8.13 1.15
C GLN A 166 -22.63 9.06 0.14
N GLU A 167 -22.25 10.34 0.19
CA GLU A 167 -22.75 11.33 -0.76
C GLU A 167 -22.41 10.90 -2.19
N LYS A 168 -21.20 10.38 -2.37
CA LYS A 168 -20.74 9.93 -3.68
C LYS A 168 -21.31 8.57 -4.06
N SER A 169 -21.51 7.69 -3.08
CA SER A 169 -21.93 6.32 -3.35
C SER A 169 -22.57 5.64 -2.14
N GLN A 170 -23.67 4.95 -2.38
CA GLN A 170 -24.37 4.25 -1.30
C GLN A 170 -23.72 2.91 -0.99
N THR A 171 -22.74 2.52 -1.81
CA THR A 171 -22.06 1.23 -1.63
C THR A 171 -20.61 1.36 -1.19
N HIS A 172 -20.25 2.53 -0.68
CA HIS A 172 -18.93 2.74 -0.11
C HIS A 172 -19.01 3.21 1.33
N GLY A 173 -18.05 2.79 2.14
CA GLY A 173 -17.96 3.21 3.53
C GLY A 173 -16.52 3.24 3.96
N PHE A 174 -16.30 3.40 5.27
CA PHE A 174 -14.96 3.32 5.83
C PHE A 174 -15.04 2.78 7.25
N PRO A 175 -14.16 1.81 7.59
CA PRO A 175 -14.18 1.17 8.91
C PRO A 175 -13.37 1.94 9.96
N ALA A 176 -13.92 3.04 10.46
CA ALA A 176 -13.29 3.76 11.56
C ALA A 176 -14.23 3.81 12.77
N GLY A 177 -14.17 4.89 13.55
CA GLY A 177 -14.89 4.99 14.81
C GLY A 177 -16.41 4.96 14.78
N LEU A 178 -17.00 4.69 15.94
CA LEU A 178 -18.45 4.63 16.09
C LEU A 178 -19.01 6.01 16.45
N CYS A 179 -18.21 6.78 17.17
CA CYS A 179 -18.60 8.14 17.55
C CYS A 179 -18.41 9.07 16.35
N SER A 180 -19.39 9.93 16.09
CA SER A 180 -19.40 10.75 14.89
C SER A 180 -18.46 11.96 14.92
N SER A 181 -18.19 12.47 16.11
CA SER A 181 -17.45 13.74 16.24
C SER A 181 -15.94 13.57 16.46
N LEU A 182 -15.44 12.36 16.28
CA LEU A 182 -14.02 12.09 16.44
C LEU A 182 -13.21 12.81 15.37
N GLY A 183 -12.13 13.49 15.78
CA GLY A 183 -11.29 14.19 14.82
C GLY A 183 -10.34 13.24 14.11
N ILE A 184 -10.22 13.40 12.80
CA ILE A 184 -9.32 12.57 12.00
C ILE A 184 -7.89 12.58 12.54
N GLY A 185 -7.41 13.78 12.88
CA GLY A 185 -6.03 13.96 13.30
C GLY A 185 -5.58 13.14 14.50
N GLY A 186 -6.49 12.91 15.43
CA GLY A 186 -6.15 12.17 16.63
C GLY A 186 -6.74 10.77 16.68
N HIS A 187 -7.58 10.44 15.70
CA HIS A 187 -8.32 9.18 15.70
C HIS A 187 -7.56 8.03 15.02
N LEU A 188 -7.32 8.19 13.73
CA LEU A 188 -6.70 7.13 12.92
C LEU A 188 -5.30 6.75 13.40
N VAL A 189 -4.57 7.73 13.92
CA VAL A 189 -3.19 7.50 14.37
C VAL A 189 -3.14 6.53 15.56
N GLY A 190 -4.29 6.29 16.20
CA GLY A 190 -4.35 5.38 17.33
C GLY A 190 -4.86 4.00 16.93
N GLY A 191 -5.20 3.84 15.67
CA GLY A 191 -5.73 2.57 15.18
C GLY A 191 -7.12 2.74 14.61
N ALA A 192 -8.03 3.26 15.42
CA ALA A 192 -9.41 3.56 15.01
C ALA A 192 -10.24 2.31 14.69
N TYR A 193 -10.81 1.71 15.73
CA TYR A 193 -11.70 0.56 15.55
C TYR A 193 -13.14 1.03 15.43
N GLY A 194 -14.01 0.15 14.93
CA GLY A 194 -15.42 0.46 14.82
C GLY A 194 -16.25 -0.78 14.53
N SER A 195 -17.51 -0.57 14.17
CA SER A 195 -18.45 -1.68 13.99
C SER A 195 -18.18 -2.53 12.76
N MET A 196 -17.18 -2.17 11.95
CA MET A 196 -16.86 -2.94 10.77
C MET A 196 -15.48 -3.57 10.83
N MET A 197 -14.86 -3.54 12.00
CA MET A 197 -13.49 -4.05 12.15
C MET A 197 -13.37 -5.56 11.97
N ARG A 198 -14.45 -6.29 12.25
CA ARG A 198 -14.42 -7.74 12.13
C ARG A 198 -14.35 -8.17 10.67
N LYS A 199 -14.73 -7.27 9.77
CA LYS A 199 -14.67 -7.58 8.35
C LYS A 199 -13.48 -6.91 7.65
N PHE A 200 -13.19 -5.66 7.99
CA PHE A 200 -12.17 -4.90 7.27
C PHE A 200 -10.96 -4.51 8.11
N GLY A 201 -10.95 -4.88 9.39
CA GLY A 201 -9.88 -4.47 10.27
C GLY A 201 -10.04 -3.02 10.73
N LEU A 202 -8.93 -2.42 11.16
CA LEU A 202 -8.98 -1.07 11.70
C LEU A 202 -8.93 0.00 10.61
N GLY A 203 -9.25 1.23 11.00
CA GLY A 203 -9.08 2.37 10.11
C GLY A 203 -7.62 2.49 9.69
N ALA A 204 -6.71 2.12 10.60
CA ALA A 204 -5.28 2.18 10.32
C ALA A 204 -4.79 1.00 9.48
N ASP A 205 -5.64 -0.01 9.32
CA ASP A 205 -5.35 -1.13 8.44
C ASP A 205 -5.76 -0.77 7.02
N ASN A 206 -6.45 0.35 6.88
CA ASN A 206 -7.02 0.78 5.61
C ASN A 206 -6.63 2.21 5.21
N VAL A 207 -5.35 2.54 5.34
CA VAL A 207 -4.84 3.83 4.88
C VAL A 207 -3.79 3.63 3.79
N LEU A 208 -3.60 4.64 2.94
CA LEU A 208 -2.71 4.50 1.78
C LEU A 208 -1.53 5.45 1.85
N ASP A 209 -1.76 6.65 2.38
CA ASP A 209 -0.76 7.69 2.43
C ASP A 209 -1.15 8.68 3.51
N ALA A 210 -0.28 9.65 3.77
CA ALA A 210 -0.57 10.70 4.74
C ALA A 210 0.38 11.86 4.50
N ARG A 211 0.00 13.04 4.97
CA ARG A 211 0.89 14.20 4.97
C ARG A 211 1.13 14.62 6.41
N ILE A 212 2.39 14.71 6.80
CA ILE A 212 2.72 15.14 8.15
C ILE A 212 3.77 16.25 8.17
N VAL A 213 3.78 17.03 9.24
CA VAL A 213 4.80 18.05 9.46
C VAL A 213 5.80 17.52 10.48
N ASP A 214 7.09 17.56 10.15
CA ASP A 214 8.11 17.09 11.09
C ASP A 214 8.59 18.20 12.03
N ALA A 215 9.59 17.87 12.85
CA ALA A 215 10.11 18.81 13.84
C ALA A 215 10.79 20.03 13.22
N ASN A 216 11.14 19.93 11.93
CA ASN A 216 11.80 21.03 11.23
C ASN A 216 10.83 21.85 10.37
N GLY A 217 9.55 21.50 10.42
CA GLY A 217 8.54 22.23 9.68
C GLY A 217 8.43 21.82 8.21
N GLN A 218 8.96 20.64 7.89
CA GLN A 218 8.84 20.09 6.54
C GLN A 218 7.56 19.26 6.43
N ILE A 219 6.86 19.40 5.31
CA ILE A 219 5.71 18.54 5.04
C ILE A 219 6.16 17.26 4.33
N LEU A 220 5.90 16.12 4.96
CA LEU A 220 6.31 14.83 4.42
C LEU A 220 5.12 13.95 4.10
N ASP A 221 5.09 13.41 2.88
CA ASP A 221 4.14 12.35 2.58
C ASP A 221 4.80 11.00 2.84
N ARG A 222 4.07 9.92 2.55
CA ARG A 222 4.59 8.57 2.81
C ARG A 222 5.93 8.30 2.13
N ALA A 223 6.10 8.80 0.90
CA ALA A 223 7.34 8.60 0.17
C ALA A 223 8.50 9.29 0.90
N ALA A 224 8.26 10.51 1.37
CA ALA A 224 9.31 11.30 2.02
C ALA A 224 9.59 10.85 3.46
N MET A 225 8.53 10.53 4.21
CA MET A 225 8.70 10.12 5.61
C MET A 225 9.30 8.72 5.72
N GLY A 226 9.18 7.92 4.67
CA GLY A 226 9.70 6.56 4.70
C GLY A 226 8.73 5.59 5.35
N GLU A 227 8.98 4.29 5.17
CA GLU A 227 8.06 3.26 5.63
C GLU A 227 8.02 3.09 7.15
N ASP A 228 9.11 3.42 7.84
CA ASP A 228 9.16 3.28 9.29
C ASP A 228 8.25 4.27 10.02
N VAL A 229 8.33 5.55 9.62
CA VAL A 229 7.46 6.57 10.19
C VAL A 229 5.99 6.32 9.83
N PHE A 230 5.75 5.89 8.59
CA PHE A 230 4.38 5.58 8.15
C PHE A 230 3.80 4.42 8.96
N TRP A 231 4.64 3.45 9.27
CA TRP A 231 4.24 2.37 10.18
C TRP A 231 3.87 2.95 11.54
N ALA A 232 4.74 3.79 12.08
CA ALA A 232 4.57 4.37 13.40
C ALA A 232 3.27 5.14 13.59
N ILE A 233 2.82 5.84 12.56
CA ILE A 233 1.61 6.65 12.68
C ILE A 233 0.32 5.84 12.45
N ARG A 234 0.47 4.55 12.18
CA ARG A 234 -0.68 3.66 12.02
C ARG A 234 -0.97 2.89 13.30
N GLY A 235 -0.97 3.58 14.43
CA GLY A 235 -1.25 2.94 15.70
C GLY A 235 -0.43 3.47 16.85
N GLY A 236 0.61 4.24 16.54
CA GLY A 236 1.52 4.75 17.56
C GLY A 236 0.88 5.74 18.53
N GLY A 237 -0.28 6.27 18.16
CA GLY A 237 -0.97 7.23 18.99
C GLY A 237 -0.59 8.67 18.67
N GLY A 238 -1.46 9.60 19.02
CA GLY A 238 -1.23 11.00 18.71
C GLY A 238 -0.15 11.66 19.56
N GLY A 239 0.33 12.81 19.08
CA GLY A 239 1.24 13.64 19.85
C GLY A 239 2.69 13.18 19.91
N SER A 240 3.06 12.17 19.13
CA SER A 240 4.40 11.61 19.21
C SER A 240 5.21 11.73 17.91
N PHE A 241 4.58 11.49 16.77
CA PHE A 241 5.30 11.45 15.50
C PHE A 241 4.91 12.56 14.52
N GLY A 242 4.96 13.81 14.97
CA GLY A 242 4.67 14.93 14.09
C GLY A 242 3.21 15.29 13.95
N VAL A 243 2.94 16.36 13.22
CA VAL A 243 1.59 16.84 13.02
C VAL A 243 0.98 16.21 11.78
N ILE A 244 -0.03 15.37 11.96
CA ILE A 244 -0.75 14.83 10.82
C ILE A 244 -1.65 15.91 10.23
N LEU A 245 -1.48 16.18 8.94
CA LEU A 245 -2.30 17.16 8.24
C LEU A 245 -3.46 16.47 7.54
N ALA A 246 -3.19 15.31 6.96
CA ALA A 246 -4.20 14.59 6.20
C ALA A 246 -3.88 13.12 6.04
N TRP A 247 -4.93 12.29 5.98
CA TRP A 247 -4.79 10.87 5.69
C TRP A 247 -5.43 10.59 4.34
N LYS A 248 -4.82 9.68 3.57
CA LYS A 248 -5.45 9.16 2.36
C LYS A 248 -6.00 7.78 2.72
N ILE A 249 -7.31 7.66 2.79
CA ILE A 249 -7.93 6.42 3.24
C ILE A 249 -8.41 5.54 2.10
N LYS A 250 -8.50 4.25 2.37
CA LYS A 250 -8.98 3.29 1.38
C LYS A 250 -10.44 2.96 1.66
N LEU A 251 -11.32 3.24 0.70
CA LEU A 251 -12.73 2.98 0.88
C LEU A 251 -13.00 1.47 0.87
N VAL A 252 -14.12 1.07 1.48
CA VAL A 252 -14.51 -0.34 1.52
C VAL A 252 -15.93 -0.53 1.03
N PRO A 253 -16.23 -1.72 0.48
CA PRO A 253 -17.59 -2.01 0.02
C PRO A 253 -18.57 -2.16 1.19
N VAL A 254 -19.69 -1.47 1.13
CA VAL A 254 -20.81 -1.73 2.03
C VAL A 254 -22.06 -2.01 1.18
N PRO A 255 -22.96 -2.87 1.66
CA PRO A 255 -24.17 -3.19 0.91
C PRO A 255 -25.21 -2.07 0.95
N ALA A 256 -26.07 -2.01 -0.06
CA ALA A 256 -27.12 -1.00 -0.13
C ALA A 256 -28.04 -1.08 1.10
N THR A 257 -28.25 -2.29 1.59
CA THR A 257 -29.06 -2.49 2.79
C THR A 257 -28.28 -3.13 3.93
N VAL A 258 -28.26 -2.43 5.06
CA VAL A 258 -27.60 -2.90 6.28
C VAL A 258 -28.69 -3.09 7.33
N THR A 259 -28.56 -4.12 8.16
CA THR A 259 -29.54 -4.39 9.20
C THR A 259 -28.95 -4.08 10.58
N VAL A 260 -29.77 -3.47 11.45
CA VAL A 260 -29.35 -3.17 12.81
C VAL A 260 -30.41 -3.67 13.79
N PHE A 261 -30.01 -3.83 15.05
CA PHE A 261 -30.96 -4.08 16.13
C PHE A 261 -30.39 -3.65 17.47
N THR A 262 -31.27 -3.47 18.45
CA THR A 262 -30.84 -3.30 19.84
C THR A 262 -31.74 -4.17 20.72
N VAL A 263 -31.17 -5.19 21.34
CA VAL A 263 -31.94 -6.06 22.23
C VAL A 263 -31.46 -5.85 23.66
N THR A 264 -32.41 -5.60 24.57
CA THR A 264 -32.07 -5.26 25.95
C THR A 264 -32.42 -6.39 26.94
N LYS A 265 -31.45 -6.75 27.77
CA LYS A 265 -31.62 -7.80 28.77
C LYS A 265 -31.22 -7.29 30.15
N THR A 266 -32.04 -7.55 31.16
CA THR A 266 -31.69 -7.21 32.53
C THR A 266 -31.30 -8.47 33.29
N LEU A 267 -30.75 -8.30 34.49
CA LEU A 267 -30.40 -9.43 35.35
C LEU A 267 -31.60 -10.33 35.65
N GLU A 268 -32.79 -9.74 35.72
CA GLU A 268 -34.01 -10.50 35.99
C GLU A 268 -34.45 -11.29 34.77
N GLN A 269 -33.75 -11.11 33.65
CA GLN A 269 -34.06 -11.83 32.42
C GLN A 269 -32.89 -12.71 32.01
N ASP A 270 -32.30 -13.39 33.00
CA ASP A 270 -31.17 -14.28 32.78
C ASP A 270 -29.97 -13.52 32.19
N GLY A 271 -29.87 -12.25 32.54
CA GLY A 271 -28.86 -11.35 31.97
C GLY A 271 -27.44 -11.84 32.04
N THR A 272 -27.04 -12.35 33.21
CA THR A 272 -25.65 -12.78 33.41
C THR A 272 -25.26 -13.96 32.52
N LYS A 273 -26.12 -14.97 32.43
CA LYS A 273 -25.87 -16.14 31.59
C LYS A 273 -25.87 -15.76 30.11
N VAL A 274 -26.76 -14.84 29.73
CA VAL A 274 -26.84 -14.39 28.35
C VAL A 274 -25.55 -13.68 27.94
N LEU A 275 -25.05 -12.81 28.83
CA LEU A 275 -23.79 -12.13 28.58
C LEU A 275 -22.65 -13.13 28.53
N TYR A 276 -22.72 -14.18 29.34
CA TYR A 276 -21.70 -15.21 29.32
C TYR A 276 -21.66 -15.91 27.98
N LYS A 277 -22.85 -16.20 27.44
CA LYS A 277 -22.96 -16.78 26.10
C LYS A 277 -22.31 -15.87 25.06
N TRP A 278 -22.58 -14.57 25.17
CA TRP A 278 -22.02 -13.59 24.23
C TRP A 278 -20.50 -13.63 24.25
N GLU A 279 -19.91 -13.76 25.44
CA GLU A 279 -18.46 -13.84 25.57
C GLU A 279 -17.89 -15.02 24.81
N GLN A 280 -18.63 -16.12 24.79
CA GLN A 280 -18.17 -17.36 24.19
C GLN A 280 -18.24 -17.37 22.66
N ILE A 281 -19.13 -16.56 22.10
CA ILE A 281 -19.44 -16.67 20.67
C ILE A 281 -19.26 -15.42 19.82
N ALA A 282 -19.32 -14.24 20.45
CA ALA A 282 -19.33 -12.98 19.71
C ALA A 282 -18.15 -12.79 18.75
N ASP A 283 -16.98 -13.26 19.15
CA ASP A 283 -15.79 -13.14 18.31
C ASP A 283 -15.71 -14.24 17.25
N LYS A 284 -16.66 -15.18 17.29
CA LYS A 284 -16.69 -16.30 16.36
C LYS A 284 -17.82 -16.17 15.34
N LEU A 285 -18.60 -15.10 15.44
CA LEU A 285 -19.72 -14.89 14.53
C LEU A 285 -19.25 -14.53 13.12
N ASP A 286 -20.17 -14.64 12.16
CA ASP A 286 -19.94 -14.25 10.77
C ASP A 286 -19.26 -12.87 10.71
N ASP A 287 -18.30 -12.73 9.79
CA ASP A 287 -17.54 -11.49 9.67
C ASP A 287 -18.42 -10.26 9.48
N ASP A 288 -19.60 -10.46 8.90
CA ASP A 288 -20.55 -9.38 8.64
C ASP A 288 -21.28 -8.92 9.90
N LEU A 289 -21.14 -9.67 10.99
CA LEU A 289 -21.94 -9.43 12.18
C LEU A 289 -21.15 -8.87 13.36
N PHE A 290 -21.51 -7.67 13.78
CA PHE A 290 -20.87 -6.99 14.90
C PHE A 290 -21.90 -6.74 15.99
N ILE A 291 -21.72 -7.39 17.14
CA ILE A 291 -22.63 -7.21 18.26
C ILE A 291 -21.89 -6.74 19.50
N ARG A 292 -22.01 -5.46 19.82
CA ARG A 292 -21.39 -4.94 21.04
C ARG A 292 -22.42 -4.93 22.17
N VAL A 293 -21.93 -4.92 23.41
CA VAL A 293 -22.81 -4.88 24.57
C VAL A 293 -22.59 -3.57 25.29
N ILE A 294 -23.69 -2.87 25.58
CA ILE A 294 -23.63 -1.63 26.35
C ILE A 294 -24.29 -1.90 27.71
N ILE A 295 -23.49 -1.80 28.77
CA ILE A 295 -23.92 -2.28 30.09
C ILE A 295 -23.93 -1.16 31.13
N SER A 296 -25.07 -1.00 31.80
CA SER A 296 -25.23 0.05 32.79
C SER A 296 -26.38 -0.26 33.74
N PRO A 297 -26.34 0.32 34.96
CA PRO A 297 -27.45 0.17 35.90
C PRO A 297 -28.74 0.74 35.30
N ALA A 298 -29.88 0.18 35.70
CA ALA A 298 -31.17 0.66 35.24
C ALA A 298 -32.19 0.57 36.36
N SER A 299 -33.16 1.49 36.36
CA SER A 299 -34.24 1.45 37.33
C SER A 299 -35.10 0.21 37.12
N LYS A 300 -35.49 -0.44 38.22
CA LYS A 300 -36.31 -1.64 38.13
C LYS A 300 -37.75 -1.31 37.73
N GLY A 305 -37.18 1.92 44.63
CA GLY A 305 -36.25 2.78 43.91
C GLY A 305 -34.89 2.14 43.75
N ASN A 306 -34.88 0.81 43.65
CA ASN A 306 -33.64 0.05 43.51
C ASN A 306 -33.22 -0.04 42.04
N ARG A 307 -32.01 -0.54 41.81
CA ARG A 307 -31.49 -0.69 40.46
C ARG A 307 -31.13 -2.12 40.12
N THR A 308 -31.12 -2.42 38.83
CA THR A 308 -30.64 -3.70 38.32
C THR A 308 -29.56 -3.37 37.30
N ILE A 309 -28.99 -4.39 36.68
CA ILE A 309 -28.01 -4.17 35.61
C ILE A 309 -28.69 -4.43 34.27
N SER A 310 -28.40 -3.58 33.28
CA SER A 310 -29.03 -3.69 31.97
C SER A 310 -27.98 -3.82 30.87
N MET A 311 -28.15 -4.83 30.00
CA MET A 311 -27.25 -5.02 28.85
C MET A 311 -28.00 -4.74 27.55
N SER A 312 -27.51 -3.76 26.79
CA SER A 312 -28.04 -3.50 25.46
C SER A 312 -27.13 -4.07 24.38
N TYR A 313 -27.61 -5.13 23.72
CA TYR A 313 -26.86 -5.74 22.64
C TYR A 313 -27.17 -4.99 21.34
N GLN A 314 -26.23 -4.17 20.91
CA GLN A 314 -26.42 -3.34 19.73
C GLN A 314 -25.61 -3.89 18.57
N ALA A 315 -26.25 -4.04 17.41
CA ALA A 315 -25.60 -4.75 16.31
C ALA A 315 -25.69 -4.06 14.96
N GLN A 316 -24.65 -4.25 14.17
CA GLN A 316 -24.64 -3.86 12.77
C GLN A 316 -24.34 -5.11 11.94
N PHE A 317 -25.24 -5.47 11.04
CA PHE A 317 -25.02 -6.62 10.17
C PHE A 317 -24.98 -6.20 8.72
N LEU A 318 -23.83 -6.40 8.08
CA LEU A 318 -23.69 -6.06 6.67
C LEU A 318 -24.42 -7.07 5.80
N GLY A 319 -25.75 -7.08 5.91
CA GLY A 319 -26.60 -7.98 5.15
C GLY A 319 -28.05 -7.75 5.50
N ASP A 320 -28.94 -8.55 4.94
CA ASP A 320 -30.37 -8.39 5.16
C ASP A 320 -30.85 -9.11 6.42
N SER A 321 -32.04 -8.75 6.90
CA SER A 321 -32.57 -9.26 8.16
C SER A 321 -32.88 -10.75 8.13
N ASN A 322 -33.25 -11.27 6.96
CA ASN A 322 -33.52 -12.69 6.80
C ASN A 322 -32.29 -13.53 7.09
N ARG A 323 -31.18 -13.15 6.46
CA ARG A 323 -29.90 -13.83 6.66
C ARG A 323 -29.44 -13.69 8.10
N LEU A 324 -29.71 -12.53 8.70
CA LEU A 324 -29.32 -12.25 10.09
C LEU A 324 -29.99 -13.20 11.08
N LEU A 325 -31.31 -13.34 10.97
CA LEU A 325 -32.07 -14.23 11.84
C LEU A 325 -31.58 -15.66 11.75
N GLN A 326 -31.16 -16.06 10.55
CA GLN A 326 -30.59 -17.39 10.35
C GLN A 326 -29.24 -17.51 11.07
N VAL A 327 -28.41 -16.47 10.98
CA VAL A 327 -27.13 -16.44 11.67
C VAL A 327 -27.31 -16.51 13.18
N MET A 328 -28.29 -15.75 13.69
CA MET A 328 -28.54 -15.67 15.13
C MET A 328 -29.14 -16.94 15.73
N GLN A 329 -30.03 -17.59 14.99
CA GLN A 329 -30.70 -18.80 15.46
C GLN A 329 -29.68 -19.91 15.73
N LYS A 330 -28.63 -19.94 14.90
CA LYS A 330 -27.62 -20.98 14.96
C LYS A 330 -26.59 -20.76 16.07
N SER A 331 -26.20 -19.51 16.28
CA SER A 331 -25.07 -19.21 17.15
C SER A 331 -25.39 -18.39 18.41
N PHE A 332 -26.53 -17.71 18.43
CA PHE A 332 -26.92 -16.91 19.58
C PHE A 332 -28.44 -16.85 19.79
N PRO A 333 -29.10 -18.03 19.88
CA PRO A 333 -30.56 -17.97 20.03
C PRO A 333 -30.98 -17.49 21.41
N GLU A 334 -30.06 -17.45 22.36
CA GLU A 334 -30.36 -16.99 23.72
C GLU A 334 -30.78 -15.53 23.79
N LEU A 335 -30.35 -14.73 22.80
CA LEU A 335 -30.72 -13.32 22.76
C LEU A 335 -32.21 -13.16 22.45
N GLY A 336 -32.78 -14.15 21.78
CA GLY A 336 -34.20 -14.11 21.44
C GLY A 336 -34.54 -13.02 20.44
N LEU A 337 -33.66 -12.79 19.48
CA LEU A 337 -33.89 -11.79 18.44
C LEU A 337 -35.05 -12.21 17.54
N THR A 338 -35.91 -11.25 17.20
CA THR A 338 -36.99 -11.48 16.24
C THR A 338 -36.86 -10.53 15.06
N LYS A 339 -37.55 -10.84 13.96
CA LYS A 339 -37.59 -9.96 12.79
C LYS A 339 -38.04 -8.56 13.18
N LYS A 340 -38.98 -8.51 14.13
CA LYS A 340 -39.54 -7.27 14.63
C LYS A 340 -38.47 -6.31 15.14
N ASP A 341 -37.40 -6.87 15.72
CA ASP A 341 -36.32 -6.06 16.29
C ASP A 341 -35.37 -5.53 15.23
N CYS A 342 -35.35 -6.16 14.06
CA CYS A 342 -34.42 -5.79 13.01
C CYS A 342 -34.93 -4.63 12.18
N THR A 343 -34.07 -3.65 11.92
CA THR A 343 -34.43 -2.55 11.03
C THR A 343 -33.42 -2.46 9.88
N GLU A 344 -33.92 -2.50 8.66
CA GLU A 344 -33.07 -2.42 7.48
C GLU A 344 -32.95 -0.99 7.01
N MET A 345 -31.72 -0.59 6.67
CA MET A 345 -31.45 0.80 6.33
C MET A 345 -30.14 0.91 5.53
N SER A 346 -29.85 2.10 5.04
CA SER A 346 -28.60 2.36 4.36
C SER A 346 -27.44 2.30 5.34
N TRP A 347 -26.22 2.18 4.84
CA TRP A 347 -25.05 2.11 5.70
C TRP A 347 -24.90 3.36 6.56
N ILE A 348 -25.10 4.53 5.95
CA ILE A 348 -24.95 5.78 6.68
C ILE A 348 -26.01 5.90 7.80
N LYS A 349 -27.21 5.37 7.55
CA LYS A 349 -28.22 5.36 8.59
C LYS A 349 -27.82 4.45 9.73
N SER A 350 -27.20 3.32 9.39
CA SER A 350 -26.74 2.37 10.39
C SER A 350 -25.65 3.02 11.26
N VAL A 351 -24.76 3.77 10.62
CA VAL A 351 -23.73 4.50 11.34
C VAL A 351 -24.32 5.45 12.38
N MET A 352 -25.35 6.19 11.98
CA MET A 352 -26.02 7.12 12.89
C MET A 352 -26.84 6.38 13.95
N TYR A 353 -27.37 5.23 13.58
CA TYR A 353 -28.10 4.39 14.53
C TYR A 353 -27.18 3.91 15.64
N ILE A 354 -26.04 3.33 15.26
CA ILE A 354 -25.07 2.86 16.24
C ILE A 354 -24.56 4.01 17.11
N ALA A 355 -24.31 5.16 16.46
CA ALA A 355 -23.80 6.34 17.16
C ALA A 355 -24.81 6.93 18.12
N GLY A 356 -26.04 6.41 18.09
CA GLY A 356 -27.07 6.84 19.01
C GLY A 356 -27.80 8.10 18.58
N PHE A 357 -27.81 8.37 17.28
CA PHE A 357 -28.62 9.45 16.75
C PHE A 357 -30.08 9.05 16.81
N PRO A 358 -30.99 10.02 16.98
CA PRO A 358 -32.42 9.72 16.90
C PRO A 358 -32.77 9.36 15.47
N ASN A 359 -33.88 8.65 15.26
CA ASN A 359 -34.35 8.38 13.91
C ASN A 359 -34.82 9.69 13.25
N SER A 360 -35.10 10.68 14.07
CA SER A 360 -35.55 11.98 13.61
C SER A 360 -34.44 12.81 12.96
N ALA A 361 -33.20 12.40 13.14
CA ALA A 361 -32.06 13.10 12.56
C ALA A 361 -31.78 12.62 11.13
N ALA A 362 -31.13 13.46 10.34
CA ALA A 362 -30.79 13.12 8.96
C ALA A 362 -29.27 13.08 8.81
N PRO A 363 -28.76 12.39 7.77
CA PRO A 363 -27.31 12.30 7.53
C PRO A 363 -26.57 13.64 7.64
N GLU A 364 -27.21 14.73 7.22
CA GLU A 364 -26.60 16.06 7.28
C GLU A 364 -26.22 16.50 8.69
N ALA A 365 -26.81 15.88 9.71
CA ALA A 365 -26.45 16.17 11.09
C ALA A 365 -24.98 15.88 11.35
N LEU A 366 -24.41 14.94 10.59
CA LEU A 366 -22.99 14.59 10.69
C LEU A 366 -22.09 15.75 10.28
N LEU A 367 -22.64 16.69 9.50
CA LEU A 367 -21.86 17.81 8.99
C LEU A 367 -21.55 18.86 10.05
N ALA A 368 -22.32 18.85 11.14
CA ALA A 368 -22.12 19.82 12.20
C ALA A 368 -20.82 19.56 12.97
N GLY A 369 -20.37 18.31 12.97
CA GLY A 369 -19.13 17.94 13.63
C GLY A 369 -19.14 18.19 15.13
N LYS A 370 -20.31 18.03 15.76
CA LYS A 370 -20.46 18.26 17.19
C LYS A 370 -20.85 16.99 17.92
N SER A 371 -20.31 16.81 19.12
CA SER A 371 -20.67 15.68 19.96
C SER A 371 -22.11 15.86 20.45
N LEU A 372 -22.76 14.77 20.85
CA LEU A 372 -24.16 14.85 21.24
C LEU A 372 -24.35 15.45 22.64
N PHE A 373 -23.30 15.37 23.45
CA PHE A 373 -23.34 15.83 24.83
C PHE A 373 -21.94 15.79 25.42
N LYS A 374 -21.76 16.40 26.58
CA LYS A 374 -20.48 16.35 27.29
C LYS A 374 -20.67 16.09 28.78
N ASN A 375 -19.73 15.36 29.37
CA ASN A 375 -19.70 15.22 30.82
C ASN A 375 -18.28 14.99 31.33
N HIS A 376 -18.13 14.98 32.65
CA HIS A 376 -16.86 14.63 33.27
C HIS A 376 -16.76 13.12 33.28
N PHE A 377 -15.62 12.58 32.88
CA PHE A 377 -15.45 11.13 32.92
C PHE A 377 -14.01 10.66 33.19
N LYS A 378 -13.91 9.45 33.70
CA LYS A 378 -12.64 8.75 33.80
C LYS A 378 -12.82 7.39 33.13
N ALA A 379 -11.97 7.08 32.16
CA ALA A 379 -12.08 5.83 31.44
C ALA A 379 -10.83 4.96 31.58
N LYS A 380 -11.03 3.65 31.46
CA LYS A 380 -9.93 2.70 31.41
C LYS A 380 -10.31 1.65 30.36
N SER A 381 -9.36 0.80 29.99
CA SER A 381 -9.66 -0.23 29.00
C SER A 381 -9.01 -1.57 29.34
N ASP A 382 -9.56 -2.64 28.78
CA ASP A 382 -9.04 -3.98 29.01
C ASP A 382 -9.24 -4.82 27.76
N PHE A 383 -8.53 -5.95 27.71
CA PHE A 383 -8.77 -6.93 26.66
C PHE A 383 -8.94 -8.29 27.33
N VAL A 384 -9.91 -9.07 26.84
CA VAL A 384 -10.26 -10.34 27.46
C VAL A 384 -9.85 -11.50 26.55
N LYS A 385 -9.14 -12.47 27.12
CA LYS A 385 -8.62 -13.61 26.37
C LYS A 385 -9.45 -14.88 26.64
N GLU A 386 -10.01 -14.96 27.84
CA GLU A 386 -10.89 -16.07 28.20
C GLU A 386 -12.12 -15.51 28.89
N PRO A 387 -13.30 -16.11 28.62
CA PRO A 387 -14.57 -15.55 29.10
C PRO A 387 -14.58 -15.32 30.60
N ILE A 388 -14.98 -14.12 31.02
CA ILE A 388 -15.19 -13.84 32.43
C ILE A 388 -16.36 -14.70 32.91
N PRO A 389 -16.10 -15.58 33.89
CA PRO A 389 -17.16 -16.48 34.39
C PRO A 389 -18.26 -15.71 35.12
N VAL A 390 -19.42 -16.33 35.29
CA VAL A 390 -20.59 -15.63 35.84
C VAL A 390 -20.37 -15.06 37.25
N GLU A 391 -19.52 -15.70 38.04
CA GLU A 391 -19.25 -15.22 39.40
C GLU A 391 -18.41 -13.95 39.33
N GLY A 392 -17.54 -13.88 38.33
CA GLY A 392 -16.76 -12.67 38.09
C GLY A 392 -17.68 -11.54 37.68
N LEU A 393 -18.67 -11.86 36.84
CA LEU A 393 -19.66 -10.90 36.40
C LEU A 393 -20.50 -10.38 37.56
N GLU A 394 -20.94 -11.29 38.43
CA GLU A 394 -21.78 -10.92 39.56
C GLU A 394 -21.03 -9.99 40.53
N GLY A 395 -19.73 -10.22 40.67
CA GLY A 395 -18.90 -9.35 41.48
C GLY A 395 -18.77 -7.99 40.83
N LEU A 396 -18.80 -7.96 39.51
CA LEU A 396 -18.76 -6.71 38.77
C LEU A 396 -20.06 -5.94 38.95
N TRP A 397 -21.19 -6.66 38.93
CA TRP A 397 -22.49 -6.02 39.10
C TRP A 397 -22.59 -5.37 40.48
N GLU A 398 -22.15 -6.08 41.51
CA GLU A 398 -22.16 -5.56 42.88
C GLU A 398 -21.45 -4.21 42.96
N ARG A 399 -20.35 -4.09 42.24
CA ARG A 399 -19.60 -2.83 42.18
C ARG A 399 -20.33 -1.76 41.36
N PHE A 400 -20.95 -2.16 40.25
CA PHE A 400 -21.67 -1.21 39.40
C PHE A 400 -22.83 -0.57 40.17
N LEU A 401 -23.50 -1.36 41.00
CA LEU A 401 -24.61 -0.84 41.80
C LEU A 401 -24.15 0.05 42.95
N GLU A 402 -22.83 0.24 43.07
CA GLU A 402 -22.25 1.08 44.11
C GLU A 402 -21.87 2.45 43.55
N GLU A 403 -22.04 2.61 42.25
CA GLU A 403 -21.63 3.82 41.57
C GLU A 403 -22.80 4.58 40.95
N ASP A 404 -22.70 5.91 40.93
CA ASP A 404 -23.73 6.76 40.36
C ASP A 404 -24.03 6.41 38.90
N SER A 405 -23.04 6.57 38.03
CA SER A 405 -23.23 6.34 36.61
C SER A 405 -22.09 5.53 35.97
N PRO A 406 -21.96 4.25 36.36
CA PRO A 406 -20.94 3.43 35.70
C PRO A 406 -21.49 2.96 34.36
N LEU A 407 -20.59 2.71 33.41
CA LEU A 407 -21.00 2.25 32.10
C LEU A 407 -19.84 1.48 31.50
N THR A 408 -20.14 0.32 30.92
CA THR A 408 -19.11 -0.44 30.24
C THR A 408 -19.58 -0.91 28.87
N ILE A 409 -18.67 -0.85 27.89
CA ILE A 409 -18.99 -1.24 26.53
C ILE A 409 -18.02 -2.32 26.07
N TRP A 410 -18.56 -3.45 25.64
CA TRP A 410 -17.75 -4.60 25.25
C TRP A 410 -17.84 -4.81 23.74
N ASN A 411 -16.68 -4.85 23.09
CA ASN A 411 -16.62 -4.91 21.63
C ASN A 411 -15.92 -6.16 21.14
N PRO A 412 -16.65 -7.01 20.39
CA PRO A 412 -16.12 -8.29 19.96
C PRO A 412 -15.02 -8.14 18.91
N TYR A 413 -13.97 -8.94 19.03
CA TYR A 413 -12.92 -8.99 18.02
C TYR A 413 -13.10 -10.24 17.16
N GLY A 414 -12.00 -10.92 16.84
CA GLY A 414 -12.08 -12.04 15.92
C GLY A 414 -12.32 -11.53 14.51
N GLY A 415 -12.76 -12.42 13.61
CA GLY A 415 -12.93 -12.04 12.22
C GLY A 415 -11.60 -11.59 11.64
N MET A 416 -11.60 -10.49 10.90
CA MET A 416 -10.37 -9.97 10.29
C MET A 416 -9.31 -9.62 11.33
N MET A 417 -9.75 -9.25 12.53
CA MET A 417 -8.83 -8.85 13.59
C MET A 417 -7.88 -9.97 14.03
N SER A 418 -8.29 -11.22 13.78
CA SER A 418 -7.45 -12.38 14.11
C SER A 418 -6.52 -12.78 12.97
N ARG A 419 -6.69 -12.18 11.80
CA ARG A 419 -5.92 -12.55 10.61
C ARG A 419 -4.78 -11.60 10.30
N ILE A 420 -4.54 -10.65 11.20
CA ILE A 420 -3.47 -9.67 11.02
C ILE A 420 -2.46 -9.84 12.15
N SER A 421 -1.16 -9.81 11.80
CA SER A 421 -0.13 -10.05 12.80
C SER A 421 -0.08 -8.91 13.81
N GLU A 422 0.49 -9.19 14.98
CA GLU A 422 0.59 -8.20 16.05
C GLU A 422 1.56 -7.06 15.69
N SER A 423 2.45 -7.33 14.75
CA SER A 423 3.50 -6.37 14.40
C SER A 423 3.28 -5.68 13.04
N GLU A 424 2.20 -6.06 12.35
CA GLU A 424 1.84 -5.45 11.06
C GLU A 424 1.78 -3.94 11.15
N ILE A 425 1.02 -3.44 12.12
CA ILE A 425 1.03 -2.03 12.51
C ILE A 425 1.20 -1.99 14.03
N PRO A 426 1.53 -0.82 14.61
CA PRO A 426 1.78 -0.76 16.05
C PRO A 426 0.65 -1.29 16.94
N PHE A 427 -0.61 -1.22 16.46
CA PHE A 427 -1.74 -1.82 17.17
C PHE A 427 -1.55 -3.33 17.27
N PRO A 428 -1.41 -3.85 18.50
CA PRO A 428 -1.00 -5.24 18.72
C PRO A 428 -2.12 -6.20 19.11
N HIS A 429 -3.33 -5.70 19.34
CA HIS A 429 -4.40 -6.53 19.91
C HIS A 429 -5.15 -7.32 18.85
N ARG A 430 -4.61 -8.49 18.48
CA ARG A 430 -5.14 -9.26 17.36
C ARG A 430 -5.64 -10.65 17.78
N ASN A 431 -5.09 -11.69 17.15
CA ASN A 431 -5.53 -13.07 17.43
C ASN A 431 -5.41 -13.43 18.90
N GLY A 432 -6.44 -14.10 19.42
CA GLY A 432 -6.51 -14.43 20.84
C GLY A 432 -7.39 -13.46 21.60
N THR A 433 -7.61 -12.29 21.04
CA THR A 433 -8.47 -11.28 21.66
C THR A 433 -9.93 -11.64 21.46
N LEU A 434 -10.61 -11.97 22.55
CA LEU A 434 -12.04 -12.25 22.49
C LEU A 434 -12.83 -10.95 22.28
N PHE A 435 -12.59 -9.97 23.15
CA PHE A 435 -13.24 -8.67 23.03
C PHE A 435 -12.52 -7.57 23.80
N LYS A 436 -12.76 -6.31 23.44
CA LYS A 436 -12.23 -5.17 24.17
C LYS A 436 -13.28 -4.56 25.08
N ILE A 437 -12.89 -4.25 26.31
CA ILE A 437 -13.78 -3.60 27.26
C ILE A 437 -13.40 -2.13 27.41
N GLN A 438 -14.39 -1.23 27.35
CA GLN A 438 -14.18 0.14 27.78
C GLN A 438 -14.86 0.34 29.12
N TRP A 439 -14.08 0.70 30.14
CA TRP A 439 -14.62 1.01 31.46
C TRP A 439 -14.91 2.50 31.56
N LEU A 440 -16.06 2.86 32.10
CA LEU A 440 -16.46 4.25 32.21
C LEU A 440 -17.18 4.58 33.51
N SER A 441 -16.81 5.70 34.11
CA SER A 441 -17.61 6.31 35.16
C SER A 441 -17.76 7.78 34.80
N THR A 442 -19.00 8.26 34.72
CA THR A 442 -19.24 9.65 34.34
C THR A 442 -19.98 10.40 35.44
N TRP A 443 -19.92 11.72 35.41
CA TRP A 443 -20.63 12.56 36.37
C TRP A 443 -20.84 13.97 35.85
N GLN A 444 -21.78 14.70 36.46
CA GLN A 444 -22.21 15.99 35.94
C GLN A 444 -21.67 17.18 36.72
N ASP A 445 -21.17 16.91 37.93
CA ASP A 445 -20.89 17.99 38.88
C ASP A 445 -19.40 18.29 39.14
N GLY A 446 -18.53 17.81 38.27
CA GLY A 446 -17.11 18.15 38.35
C GLY A 446 -16.40 17.73 39.63
N LYS A 447 -15.67 18.68 40.23
CA LYS A 447 -14.83 18.40 41.39
C LYS A 447 -15.62 18.04 42.65
N VAL A 448 -16.93 18.19 42.60
CA VAL A 448 -17.78 17.85 43.75
C VAL A 448 -17.71 16.35 44.06
N SER A 449 -17.80 15.53 43.01
CA SER A 449 -17.86 14.08 43.17
C SER A 449 -16.71 13.35 42.48
N GLU A 450 -15.80 14.09 41.86
CA GLU A 450 -14.70 13.50 41.10
C GLU A 450 -13.91 12.44 41.86
N GLU A 451 -13.42 12.79 43.04
CA GLU A 451 -12.60 11.91 43.85
C GLU A 451 -13.25 10.55 44.12
N ARG A 452 -14.54 10.56 44.43
CA ARG A 452 -15.28 9.32 44.67
C ARG A 452 -15.29 8.42 43.43
N HIS A 453 -15.59 9.01 42.27
CA HIS A 453 -15.69 8.26 41.03
C HIS A 453 -14.34 7.71 40.56
N MET A 454 -13.29 8.49 40.76
CA MET A 454 -11.94 8.08 40.40
C MET A 454 -11.53 6.85 41.22
N LYS A 455 -11.82 6.89 42.52
CA LYS A 455 -11.48 5.79 43.40
C LYS A 455 -12.30 4.55 43.10
N TRP A 456 -13.56 4.73 42.71
CA TRP A 456 -14.42 3.61 42.39
C TRP A 456 -13.92 2.83 41.18
N ILE A 457 -13.56 3.53 40.12
CA ILE A 457 -13.14 2.87 38.89
C ILE A 457 -11.77 2.19 39.05
N ARG A 458 -10.91 2.77 39.89
CA ARG A 458 -9.62 2.17 40.18
C ARG A 458 -9.77 0.88 41.00
N GLU A 459 -10.72 0.88 41.94
CA GLU A 459 -11.01 -0.32 42.71
C GLU A 459 -11.55 -1.41 41.79
N MET A 460 -12.49 -1.03 40.93
CA MET A 460 -13.09 -1.99 40.00
C MET A 460 -12.04 -2.55 39.04
N TYR A 461 -11.15 -1.67 38.58
CA TYR A 461 -10.07 -2.08 37.67
C TYR A 461 -9.18 -3.12 38.36
N SER A 462 -8.92 -2.91 39.64
CA SER A 462 -8.10 -3.84 40.42
C SER A 462 -8.81 -5.18 40.60
N TYR A 463 -10.14 -5.14 40.80
CA TYR A 463 -10.93 -6.35 40.92
C TYR A 463 -10.87 -7.18 39.63
N MET A 464 -10.87 -6.49 38.49
CA MET A 464 -10.95 -7.18 37.21
C MET A 464 -9.62 -7.77 36.73
N GLU A 465 -8.52 -7.40 37.38
CA GLU A 465 -7.18 -7.85 36.98
C GLU A 465 -7.09 -9.36 36.78
N GLN A 466 -7.72 -10.11 37.67
CA GLN A 466 -7.72 -11.56 37.62
C GLN A 466 -8.43 -12.13 36.39
N TYR A 467 -9.28 -11.32 35.75
CA TYR A 467 -10.14 -11.82 34.68
C TYR A 467 -9.73 -11.39 33.28
N VAL A 468 -8.83 -10.41 33.19
CA VAL A 468 -8.47 -9.84 31.89
C VAL A 468 -7.06 -10.25 31.45
N SER A 469 -6.65 -9.80 30.26
CA SER A 469 -5.33 -10.13 29.72
C SER A 469 -4.22 -9.83 30.74
N LYS A 470 -3.19 -10.67 30.73
CA LYS A 470 -2.07 -10.53 31.67
C LYS A 470 -0.73 -10.55 30.94
N ASN A 471 0.26 -9.88 31.54
CA ASN A 471 1.64 -9.88 31.05
C ASN A 471 1.82 -9.70 29.54
N PRO A 472 1.48 -8.50 29.02
CA PRO A 472 1.00 -7.36 29.79
C PRO A 472 -0.52 -7.34 29.93
N ARG A 473 -1.02 -6.50 30.81
CA ARG A 473 -2.44 -6.19 30.85
C ARG A 473 -2.70 -5.16 29.76
N GLN A 474 -3.23 -5.61 28.64
CA GLN A 474 -3.32 -4.77 27.43
C GLN A 474 -4.30 -3.60 27.58
N ALA A 475 -3.99 -2.50 26.90
CA ALA A 475 -4.84 -1.31 26.91
C ALA A 475 -4.83 -0.63 25.54
N TYR A 476 -5.96 -0.03 25.17
CA TYR A 476 -6.08 0.67 23.89
C TYR A 476 -5.52 2.09 24.01
N VAL A 477 -4.62 2.45 23.11
CA VAL A 477 -3.91 3.73 23.21
C VAL A 477 -4.84 4.94 23.03
N ASN A 478 -5.91 4.79 22.27
CA ASN A 478 -6.87 5.88 22.09
C ASN A 478 -7.89 5.94 23.23
N TYR A 479 -7.71 5.06 24.21
CA TYR A 479 -8.39 5.19 25.49
C TYR A 479 -7.35 5.56 26.53
N ARG A 480 -6.79 6.77 26.40
CA ARG A 480 -5.71 7.24 27.28
C ARG A 480 -6.03 7.04 28.76
N ASP A 481 -5.05 6.54 29.50
CA ASP A 481 -5.18 6.35 30.93
C ASP A 481 -3.83 6.64 31.58
N LEU A 482 -3.73 7.80 32.22
CA LEU A 482 -2.48 8.25 32.85
C LEU A 482 -2.10 7.39 34.05
N ASP A 483 -3.08 6.65 34.59
CA ASP A 483 -2.84 5.78 35.73
C ASP A 483 -1.82 4.69 35.42
N LEU A 484 -1.67 4.38 34.14
CA LEU A 484 -0.73 3.35 33.70
C LEU A 484 0.73 3.81 33.81
N GLY A 485 0.91 5.13 33.91
CA GLY A 485 2.24 5.69 34.06
C GLY A 485 2.56 6.76 33.02
N THR A 486 3.50 7.64 33.35
CA THR A 486 3.90 8.71 32.46
C THR A 486 5.39 8.63 32.17
N ASN A 487 5.87 9.50 31.28
CA ASN A 487 7.30 9.58 31.01
C ASN A 487 8.05 10.16 32.20
N GLU A 488 7.50 11.24 32.76
CA GLU A 488 8.12 11.95 33.86
C GLU A 488 8.02 11.22 35.20
N GLY A 489 6.92 10.50 35.41
CA GLY A 489 6.69 9.77 36.65
C GLY A 489 7.67 8.65 36.89
N GLU A 490 7.52 7.95 38.01
CA GLU A 490 8.44 6.89 38.39
C GLU A 490 8.22 5.56 37.65
N THR A 491 7.08 5.42 36.99
CA THR A 491 6.81 4.22 36.20
C THR A 491 7.64 4.24 34.91
N ASP A 492 8.43 3.19 34.70
CA ASP A 492 9.24 3.07 33.49
C ASP A 492 8.33 3.00 32.26
N ALA A 493 8.72 3.68 31.19
CA ALA A 493 7.90 3.77 29.99
C ALA A 493 7.66 2.40 29.34
N ARG A 494 8.58 1.48 29.55
CA ARG A 494 8.43 0.13 28.99
C ARG A 494 7.22 -0.59 29.59
N GLU A 495 6.90 -0.25 30.84
CA GLU A 495 5.78 -0.89 31.52
C GLU A 495 4.44 -0.51 30.88
N TRP A 496 4.22 0.79 30.69
CA TRP A 496 2.99 1.22 30.03
C TRP A 496 3.08 1.11 28.50
N GLY A 497 4.30 1.16 27.98
CA GLY A 497 4.51 0.95 26.56
C GLY A 497 4.08 -0.44 26.14
N ALA A 498 4.34 -1.42 26.98
CA ALA A 498 3.97 -2.80 26.71
C ALA A 498 2.45 -3.01 26.73
N LYS A 499 1.74 -2.21 27.52
CA LYS A 499 0.30 -2.34 27.64
C LYS A 499 -0.41 -1.85 26.38
N TYR A 500 0.06 -0.73 25.84
CA TYR A 500 -0.53 -0.11 24.66
C TYR A 500 -0.12 -0.81 23.37
N TYR A 501 1.15 -1.23 23.31
CA TYR A 501 1.76 -1.65 22.05
C TYR A 501 2.34 -3.07 22.06
N LYS A 502 2.43 -3.68 23.25
CA LYS A 502 3.09 -4.98 23.40
C LYS A 502 4.49 -4.99 22.80
N GLY A 503 4.78 -5.95 21.93
CA GLY A 503 6.13 -6.10 21.39
C GLY A 503 6.53 -5.08 20.35
N ASN A 504 5.65 -4.12 20.05
CA ASN A 504 5.92 -3.09 19.06
C ASN A 504 6.52 -1.82 19.67
N PHE A 505 6.63 -1.78 20.99
CA PHE A 505 7.06 -0.55 21.67
C PHE A 505 8.52 -0.21 21.42
N GLU A 506 9.40 -1.21 21.49
CA GLU A 506 10.82 -0.99 21.27
CA GLU A 506 10.82 -0.99 21.27
C GLU A 506 11.09 -0.39 19.90
N ARG A 507 10.40 -0.87 18.88
CA ARG A 507 10.57 -0.36 17.52
C ARG A 507 10.03 1.06 17.40
N LEU A 508 8.92 1.33 18.09
CA LEU A 508 8.35 2.68 18.12
C LEU A 508 9.34 3.68 18.71
N VAL A 509 10.02 3.28 19.78
CA VAL A 509 11.02 4.11 20.44
C VAL A 509 12.19 4.42 19.52
N LYS A 510 12.64 3.39 18.80
CA LYS A 510 13.74 3.53 17.86
C LYS A 510 13.39 4.52 16.76
N ILE A 511 12.20 4.37 16.18
CA ILE A 511 11.71 5.28 15.15
C ILE A 511 11.60 6.70 15.68
N LYS A 512 11.05 6.85 16.88
CA LYS A 512 10.90 8.16 17.52
C LYS A 512 12.24 8.86 17.71
N GLY A 513 13.23 8.10 18.17
CA GLY A 513 14.57 8.63 18.37
C GLY A 513 15.17 9.16 17.08
N GLU A 514 14.89 8.46 15.99
CA GLU A 514 15.43 8.85 14.67
C GLU A 514 14.64 10.00 14.04
N PHE A 515 13.33 10.03 14.26
CA PHE A 515 12.47 11.03 13.65
C PHE A 515 12.41 12.36 14.42
N ASP A 516 12.30 12.27 15.74
CA ASP A 516 12.22 13.46 16.59
C ASP A 516 13.22 13.37 17.74
N PRO A 517 14.53 13.44 17.43
CA PRO A 517 15.54 13.26 18.48
C PRO A 517 15.44 14.28 19.62
N ASP A 518 14.97 15.48 19.32
CA ASP A 518 14.87 16.54 20.33
C ASP A 518 13.58 16.47 21.14
N ASN A 519 12.78 15.42 20.91
CA ASN A 519 11.53 15.20 21.64
C ASN A 519 10.62 16.43 21.62
N PHE A 520 10.46 17.04 20.45
CA PHE A 520 9.61 18.23 20.32
C PHE A 520 8.14 17.86 20.42
N PHE A 521 7.75 16.77 19.77
CA PHE A 521 6.39 16.27 19.86
C PHE A 521 6.31 15.32 21.05
N ARG A 522 5.71 15.78 22.14
CA ARG A 522 5.72 15.03 23.38
C ARG A 522 4.55 15.36 24.29
N HIS A 523 4.23 14.42 25.17
CA HIS A 523 3.27 14.64 26.25
C HIS A 523 3.47 13.60 27.35
N GLU A 524 2.53 13.55 28.29
CA GLU A 524 2.63 12.65 29.45
C GLU A 524 2.91 11.19 29.10
N GLN A 525 2.38 10.74 27.96
CA GLN A 525 2.55 9.36 27.52
C GLN A 525 3.00 9.25 26.08
N SER A 526 3.76 10.23 25.61
CA SER A 526 4.30 10.16 24.26
C SER A 526 5.42 9.13 24.18
N VAL A 527 5.61 8.54 23.00
CA VAL A 527 6.71 7.61 22.78
C VAL A 527 8.02 8.33 23.06
N PRO A 528 8.79 7.86 24.06
CA PRO A 528 10.07 8.50 24.38
C PRO A 528 11.11 8.30 23.29
N THR A 529 12.13 9.15 23.26
CA THR A 529 13.17 9.08 22.25
C THR A 529 14.11 7.91 22.53
N LYS A 530 14.24 7.55 23.80
CA LYS A 530 15.05 6.42 24.22
C LYS A 530 14.39 5.72 25.41
N ILE A 531 14.87 4.51 25.74
CA ILE A 531 14.46 3.82 26.95
C ILE A 531 15.61 3.69 27.94
N GLY A 532 15.29 3.55 29.23
CA GLY A 532 16.31 3.46 30.26
C GLY A 532 15.84 4.01 31.60
N THR B 28 46.26 -10.97 -28.40
CA THR B 28 46.63 -11.23 -27.00
C THR B 28 45.71 -10.48 -26.04
N LEU B 29 44.61 -9.96 -26.56
CA LEU B 29 43.66 -9.20 -25.75
C LEU B 29 42.91 -10.06 -24.74
N GLN B 30 42.70 -11.33 -25.08
CA GLN B 30 42.03 -12.25 -24.15
C GLN B 30 42.91 -12.47 -22.92
N GLN B 31 44.21 -12.59 -23.16
CA GLN B 31 45.18 -12.78 -22.08
C GLN B 31 45.23 -11.53 -21.20
N ASP B 32 45.53 -10.40 -21.83
CA ASP B 32 45.61 -9.12 -21.12
C ASP B 32 44.35 -8.75 -20.33
N PHE B 33 43.20 -9.33 -20.69
CA PHE B 33 41.98 -9.10 -19.94
C PHE B 33 41.88 -10.00 -18.71
N VAL B 34 42.07 -11.30 -18.93
CA VAL B 34 42.06 -12.27 -17.84
C VAL B 34 43.13 -11.89 -16.80
N LYS B 35 44.33 -11.58 -17.29
CA LYS B 35 45.41 -11.09 -16.44
C LYS B 35 44.97 -9.85 -15.66
N CYS B 36 44.36 -8.90 -16.36
CA CYS B 36 43.92 -7.67 -15.72
C CYS B 36 42.81 -7.93 -14.69
N LEU B 37 41.95 -8.90 -15.01
CA LEU B 37 40.88 -9.30 -14.10
C LEU B 37 41.46 -9.84 -12.79
N VAL B 38 42.32 -10.84 -12.91
CA VAL B 38 42.91 -11.48 -11.73
C VAL B 38 43.85 -10.54 -10.98
N ASP B 39 44.44 -9.57 -11.68
CA ASP B 39 45.27 -8.56 -11.03
C ASP B 39 44.41 -7.49 -10.35
N VAL B 43 40.40 -7.45 -6.32
CA VAL B 43 39.58 -8.60 -5.94
C VAL B 43 40.35 -9.57 -5.05
N SER B 44 39.62 -10.25 -4.15
CA SER B 44 40.24 -11.14 -3.18
C SER B 44 40.80 -12.43 -3.81
N PHE B 45 42.04 -12.76 -3.46
CA PHE B 45 42.71 -13.96 -3.98
C PHE B 45 42.62 -15.13 -3.00
N PRO B 46 42.38 -16.35 -3.52
CA PRO B 46 42.23 -16.69 -4.94
C PRO B 46 40.85 -16.34 -5.49
N ILE B 47 40.80 -15.89 -6.74
CA ILE B 47 39.53 -15.55 -7.38
C ILE B 47 38.63 -16.79 -7.45
N THR B 48 37.35 -16.56 -7.18
CA THR B 48 36.37 -17.62 -7.06
C THR B 48 35.40 -17.60 -8.23
N ALA B 49 35.41 -16.50 -8.97
CA ALA B 49 34.57 -16.36 -10.16
C ALA B 49 34.96 -17.36 -11.23
N SER B 50 34.05 -17.63 -12.16
CA SER B 50 34.29 -18.60 -13.22
C SER B 50 34.55 -17.94 -14.56
N PHE B 51 35.30 -18.64 -15.41
CA PHE B 51 35.59 -18.16 -16.76
C PHE B 51 35.14 -19.20 -17.78
N PHE B 52 34.64 -18.73 -18.91
CA PHE B 52 34.24 -19.62 -19.99
C PHE B 52 34.77 -19.06 -21.31
N SER B 53 35.44 -19.90 -22.08
CA SER B 53 35.97 -19.49 -23.37
C SER B 53 36.13 -20.73 -24.25
N PRO B 54 35.97 -20.57 -25.57
CA PRO B 54 35.98 -21.70 -26.51
C PRO B 54 37.25 -22.54 -26.44
N ASP B 55 38.40 -21.88 -26.26
CA ASP B 55 39.68 -22.59 -26.18
C ASP B 55 39.80 -23.38 -24.88
N GLN B 56 39.39 -22.75 -23.79
CA GLN B 56 39.38 -23.37 -22.47
C GLN B 56 38.57 -24.66 -22.48
N ASN B 57 37.31 -24.53 -22.88
CA ASN B 57 36.39 -25.66 -23.01
C ASN B 57 35.16 -25.24 -23.81
N ALA B 58 35.13 -25.64 -25.08
CA ALA B 58 34.04 -25.27 -25.98
C ALA B 58 32.66 -25.69 -25.46
N THR B 59 32.59 -26.88 -24.87
CA THR B 59 31.33 -27.42 -24.37
C THR B 59 30.77 -26.59 -23.20
N LEU B 60 31.60 -26.31 -22.20
CA LEU B 60 31.18 -25.49 -21.08
C LEU B 60 30.85 -24.07 -21.54
N PHE B 61 31.59 -23.59 -22.52
CA PHE B 61 31.36 -22.26 -23.07
C PHE B 61 29.98 -22.17 -23.72
N LYS B 62 29.63 -23.18 -24.52
CA LYS B 62 28.34 -23.23 -25.20
C LYS B 62 27.19 -23.32 -24.20
N GLU B 63 27.36 -24.17 -23.19
CA GLU B 63 26.37 -24.31 -22.13
C GLU B 63 26.09 -22.98 -21.46
N GLU B 64 27.15 -22.31 -21.01
CA GLU B 64 27.04 -21.02 -20.34
C GLU B 64 26.34 -19.99 -21.22
N LEU B 65 26.77 -19.88 -22.47
CA LEU B 65 26.19 -18.92 -23.41
C LEU B 65 24.69 -19.14 -23.62
N GLU B 66 24.30 -20.40 -23.79
CA GLU B 66 22.91 -20.73 -24.12
C GLU B 66 22.00 -20.79 -22.89
N SER B 67 22.59 -20.94 -21.72
CA SER B 67 21.85 -21.20 -20.48
C SER B 67 20.64 -20.28 -20.26
N THR B 68 20.88 -18.96 -20.22
CA THR B 68 19.80 -18.01 -19.97
C THR B 68 19.29 -17.31 -21.23
N ALA B 69 20.02 -17.47 -22.33
CA ALA B 69 19.64 -16.87 -23.60
C ALA B 69 18.26 -17.37 -24.04
N GLN B 70 17.25 -16.48 -24.00
CA GLN B 70 15.87 -16.87 -24.27
C GLN B 70 15.53 -16.94 -25.77
N ASN B 71 16.00 -15.97 -26.54
CA ASN B 71 15.68 -15.93 -27.96
C ASN B 71 16.67 -16.74 -28.80
N LEU B 72 16.23 -17.91 -29.25
CA LEU B 72 17.08 -18.84 -29.99
C LEU B 72 17.56 -18.28 -31.33
N ARG B 73 16.89 -17.25 -31.84
CA ARG B 73 17.30 -16.63 -33.10
C ARG B 73 18.70 -16.03 -32.99
N TYR B 74 19.07 -15.66 -31.77
CA TYR B 74 20.37 -15.07 -31.51
C TYR B 74 21.36 -16.07 -30.94
N LEU B 75 21.06 -17.36 -31.13
CA LEU B 75 21.96 -18.44 -30.71
C LEU B 75 22.37 -19.30 -31.90
N THR B 76 21.90 -18.92 -33.09
CA THR B 76 22.34 -19.57 -34.32
C THR B 76 23.81 -19.22 -34.56
N PRO B 77 24.55 -20.10 -35.26
CA PRO B 77 25.99 -19.89 -35.48
C PRO B 77 26.35 -18.56 -36.15
N SER B 78 25.41 -17.99 -36.89
CA SER B 78 25.66 -16.75 -37.63
C SER B 78 25.78 -15.51 -36.74
N ASN B 79 25.39 -15.62 -35.48
CA ASN B 79 25.51 -14.51 -34.54
C ASN B 79 26.92 -14.41 -33.99
N PRO B 80 27.43 -13.18 -33.85
CA PRO B 80 28.75 -12.95 -33.24
C PRO B 80 28.84 -13.55 -31.84
N LYS B 81 29.93 -14.24 -31.52
CA LYS B 81 30.13 -14.80 -30.19
C LYS B 81 31.10 -13.93 -29.40
N PRO B 82 30.94 -13.90 -28.06
CA PRO B 82 31.88 -13.17 -27.20
C PRO B 82 33.23 -13.87 -27.15
N VAL B 83 34.31 -13.13 -26.92
CA VAL B 83 35.64 -13.72 -26.74
C VAL B 83 35.58 -14.71 -25.60
N PHE B 84 35.01 -14.29 -24.49
CA PHE B 84 34.75 -15.18 -23.36
C PHE B 84 33.64 -14.65 -22.45
N ILE B 85 33.19 -15.50 -21.54
CA ILE B 85 32.13 -15.11 -20.60
C ILE B 85 32.69 -15.12 -19.19
N PHE B 86 32.49 -14.02 -18.48
CA PHE B 86 32.96 -13.89 -17.10
C PHE B 86 31.76 -13.87 -16.16
N GLU B 87 31.84 -14.67 -15.10
CA GLU B 87 30.70 -14.86 -14.21
C GLU B 87 31.08 -14.58 -12.76
N PRO B 88 30.92 -13.32 -12.33
CA PRO B 88 31.21 -12.87 -10.97
C PRO B 88 30.50 -13.67 -9.88
N LEU B 89 31.10 -13.72 -8.69
CA LEU B 89 30.47 -14.30 -7.51
C LEU B 89 30.09 -13.20 -6.53
N TYR B 90 30.83 -12.09 -6.59
CA TYR B 90 30.61 -10.95 -5.73
C TYR B 90 30.62 -9.66 -6.53
N GLU B 91 30.13 -8.58 -5.92
CA GLU B 91 30.09 -7.26 -6.53
C GLU B 91 31.48 -6.76 -6.89
N THR B 92 32.47 -7.09 -6.07
CA THR B 92 33.86 -6.72 -6.34
C THR B 92 34.32 -7.22 -7.71
N HIS B 93 33.87 -8.41 -8.07
CA HIS B 93 34.18 -8.98 -9.38
C HIS B 93 33.56 -8.15 -10.49
N VAL B 94 32.37 -7.60 -10.24
CA VAL B 94 31.72 -6.71 -11.19
C VAL B 94 32.48 -5.40 -11.31
N GLN B 95 32.93 -4.87 -10.17
CA GLN B 95 33.74 -3.66 -10.14
C GLN B 95 35.01 -3.82 -10.96
N ALA B 96 35.75 -4.90 -10.70
CA ALA B 96 36.99 -5.17 -11.43
C ALA B 96 36.73 -5.27 -12.93
N ALA B 97 35.69 -6.01 -13.31
CA ALA B 97 35.36 -6.24 -14.71
C ALA B 97 35.11 -4.93 -15.47
N VAL B 98 34.38 -4.00 -14.86
CA VAL B 98 34.17 -2.69 -15.45
C VAL B 98 35.49 -1.93 -15.62
N VAL B 99 36.28 -1.86 -14.54
CA VAL B 99 37.54 -1.14 -14.54
C VAL B 99 38.51 -1.72 -15.58
N CYS B 100 38.64 -3.05 -15.60
CA CYS B 100 39.56 -3.73 -16.49
C CYS B 100 39.17 -3.63 -17.97
N ALA B 101 37.88 -3.79 -18.26
CA ALA B 101 37.38 -3.72 -19.63
C ALA B 101 37.54 -2.33 -20.24
N LYS B 102 37.23 -1.32 -19.45
CA LYS B 102 37.34 0.08 -19.87
C LYS B 102 38.81 0.40 -20.16
N LYS B 103 39.68 -0.09 -19.29
CA LYS B 103 41.12 0.10 -19.40
C LYS B 103 41.64 -0.46 -20.71
N LEU B 104 41.18 -1.65 -21.07
CA LEU B 104 41.68 -2.36 -22.24
C LEU B 104 40.83 -2.13 -23.47
N GLN B 105 39.88 -1.19 -23.37
CA GLN B 105 38.94 -0.92 -24.45
C GLN B 105 38.25 -2.19 -24.96
N LEU B 106 37.83 -3.04 -24.04
CA LEU B 106 37.09 -4.24 -24.42
C LEU B 106 35.60 -4.03 -24.17
N HIS B 107 34.80 -4.23 -25.22
CA HIS B 107 33.37 -4.00 -25.12
C HIS B 107 32.69 -4.96 -24.15
N LEU B 108 31.78 -4.41 -23.36
CA LEU B 108 31.12 -5.15 -22.30
C LEU B 108 29.64 -5.33 -22.62
N ARG B 109 29.14 -6.55 -22.47
CA ARG B 109 27.70 -6.80 -22.52
C ARG B 109 27.26 -7.43 -21.22
N LEU B 110 26.26 -6.83 -20.58
CA LEU B 110 25.77 -7.30 -19.29
C LEU B 110 24.60 -8.26 -19.48
N ARG B 111 24.60 -9.36 -18.75
CA ARG B 111 23.47 -10.28 -18.79
C ARG B 111 23.03 -10.69 -17.39
N SER B 112 21.74 -10.58 -17.13
CA SER B 112 21.17 -11.03 -15.87
C SER B 112 20.23 -12.21 -16.10
N GLY B 113 19.05 -11.93 -16.65
CA GLY B 113 18.05 -12.96 -16.90
C GLY B 113 18.06 -13.52 -18.31
N GLY B 114 18.68 -12.78 -19.24
CA GLY B 114 18.84 -13.24 -20.61
C GLY B 114 17.60 -13.20 -21.49
N HIS B 115 16.60 -12.42 -21.08
CA HIS B 115 15.34 -12.37 -21.82
C HIS B 115 15.28 -11.36 -22.97
N ASP B 116 16.39 -10.67 -23.24
CA ASP B 116 16.38 -9.59 -24.20
C ASP B 116 15.82 -10.02 -25.56
N TYR B 117 14.82 -9.29 -26.04
CA TYR B 117 14.09 -9.65 -27.24
C TYR B 117 14.97 -9.63 -28.49
N GLU B 118 16.03 -8.82 -28.44
CA GLU B 118 16.97 -8.74 -29.55
C GLU B 118 18.34 -9.29 -29.15
N GLY B 119 18.36 -10.04 -28.05
CA GLY B 119 19.57 -10.72 -27.59
C GLY B 119 20.74 -9.78 -27.34
N LEU B 120 20.43 -8.56 -26.92
CA LEU B 120 21.46 -7.54 -26.76
C LEU B 120 22.38 -7.83 -25.57
N SER B 121 21.96 -8.73 -24.70
CA SER B 121 22.76 -9.07 -23.53
C SER B 121 23.83 -10.12 -23.80
N PHE B 122 23.72 -10.82 -24.93
CA PHE B 122 24.70 -11.86 -25.27
C PHE B 122 25.18 -11.83 -26.73
N VAL B 123 24.65 -10.88 -27.49
CA VAL B 123 25.11 -10.68 -28.87
C VAL B 123 25.38 -9.20 -29.12
N ALA B 124 26.59 -8.89 -29.60
CA ALA B 124 26.94 -7.54 -30.01
C ALA B 124 27.08 -7.50 -31.53
N GLU B 125 26.71 -6.38 -32.15
CA GLU B 125 26.62 -6.32 -33.60
C GLU B 125 27.88 -5.83 -34.32
N ASP B 126 28.49 -4.77 -33.82
CA ASP B 126 29.65 -4.17 -34.48
C ASP B 126 30.83 -3.97 -33.53
N GLU B 127 30.73 -4.58 -32.35
CA GLU B 127 31.69 -4.35 -31.29
C GLU B 127 32.83 -5.36 -31.24
N THR B 128 32.90 -6.26 -32.22
CA THR B 128 33.98 -7.25 -32.32
C THR B 128 35.35 -6.70 -31.91
N PRO B 129 35.92 -7.26 -30.83
CA PRO B 129 35.29 -8.35 -30.08
C PRO B 129 34.66 -7.90 -28.75
N PHE B 130 33.87 -8.77 -28.13
CA PHE B 130 33.19 -8.43 -26.88
C PHE B 130 33.25 -9.50 -25.80
N VAL B 131 32.78 -9.15 -24.61
CA VAL B 131 32.73 -10.07 -23.47
C VAL B 131 31.38 -9.94 -22.78
N ILE B 132 30.87 -11.05 -22.24
CA ILE B 132 29.65 -11.01 -21.45
C ILE B 132 29.99 -11.12 -19.97
N VAL B 133 29.54 -10.16 -19.18
CA VAL B 133 29.59 -10.30 -17.73
C VAL B 133 28.23 -10.85 -17.30
N ASP B 134 28.21 -12.13 -16.95
CA ASP B 134 26.97 -12.80 -16.57
C ASP B 134 26.79 -12.73 -15.06
N LEU B 135 25.63 -12.23 -14.61
CA LEU B 135 25.38 -11.99 -13.19
C LEU B 135 24.48 -13.05 -12.57
N SER B 136 24.38 -14.22 -13.18
CA SER B 136 23.45 -15.25 -12.71
C SER B 136 23.81 -15.85 -11.36
N LYS B 137 24.99 -15.54 -10.84
CA LYS B 137 25.40 -16.04 -9.53
C LYS B 137 25.12 -15.01 -8.42
N LEU B 138 24.63 -13.83 -8.81
CA LEU B 138 24.25 -12.80 -7.84
C LEU B 138 22.74 -12.78 -7.65
N ARG B 139 22.21 -13.76 -6.92
CA ARG B 139 20.76 -13.92 -6.78
C ARG B 139 20.26 -13.71 -5.35
N GLN B 140 21.04 -13.01 -4.53
CA GLN B 140 20.66 -12.76 -3.14
CA GLN B 140 20.65 -12.79 -3.14
C GLN B 140 19.38 -11.95 -3.05
N VAL B 141 18.42 -12.43 -2.27
CA VAL B 141 17.15 -11.72 -2.03
C VAL B 141 16.86 -11.68 -0.53
N ASP B 142 16.62 -10.49 0.00
CA ASP B 142 16.32 -10.35 1.42
C ASP B 142 15.05 -9.53 1.63
N VAL B 143 14.06 -10.14 2.27
CA VAL B 143 12.75 -9.51 2.49
C VAL B 143 12.63 -9.03 3.95
N ASP B 144 12.13 -7.81 4.13
CA ASP B 144 11.90 -7.27 5.46
C ASP B 144 10.51 -6.66 5.58
N LEU B 145 9.58 -7.39 6.20
CA LEU B 145 8.19 -6.96 6.32
C LEU B 145 8.03 -5.68 7.13
N ASP B 146 8.86 -5.52 8.16
CA ASP B 146 8.80 -4.36 9.05
C ASP B 146 8.93 -3.05 8.26
N SER B 147 9.88 -3.02 7.33
CA SER B 147 10.11 -1.83 6.52
C SER B 147 9.40 -1.92 5.17
N ASN B 148 8.57 -2.94 5.00
CA ASN B 148 7.76 -3.12 3.80
C ASN B 148 8.60 -3.09 2.53
N SER B 149 9.77 -3.72 2.58
CA SER B 149 10.71 -3.64 1.48
C SER B 149 11.47 -4.94 1.27
N ALA B 150 12.28 -4.95 0.22
CA ALA B 150 13.17 -6.08 -0.05
C ALA B 150 14.36 -5.65 -0.89
N TRP B 151 15.51 -6.28 -0.68
CA TRP B 151 16.65 -6.08 -1.56
C TRP B 151 16.76 -7.30 -2.47
N ALA B 152 16.84 -7.06 -3.78
CA ALA B 152 17.00 -8.14 -4.74
C ALA B 152 18.18 -7.87 -5.67
N HIS B 153 19.10 -8.84 -5.75
CA HIS B 153 20.25 -8.70 -6.63
C HIS B 153 19.93 -8.99 -8.10
N ALA B 154 20.78 -8.51 -8.99
CA ALA B 154 20.52 -8.53 -10.44
C ALA B 154 20.23 -9.91 -11.03
N GLY B 155 20.94 -10.93 -10.54
CA GLY B 155 20.83 -12.27 -11.10
C GLY B 155 19.61 -13.03 -10.63
N ALA B 156 18.99 -12.58 -9.55
CA ALA B 156 17.77 -13.21 -9.07
C ALA B 156 16.66 -12.99 -10.09
N THR B 157 15.83 -14.02 -10.30
CA THR B 157 14.70 -13.86 -11.19
C THR B 157 13.52 -13.27 -10.43
N ILE B 158 12.59 -12.65 -11.15
CA ILE B 158 11.44 -12.04 -10.51
C ILE B 158 10.58 -13.10 -9.81
N GLY B 159 10.60 -14.32 -10.34
CA GLY B 159 9.91 -15.44 -9.75
C GLY B 159 10.47 -15.79 -8.38
N GLU B 160 11.79 -15.70 -8.26
CA GLU B 160 12.47 -15.95 -6.99
C GLU B 160 12.08 -14.90 -5.94
N VAL B 161 12.05 -13.63 -6.37
CA VAL B 161 11.64 -12.54 -5.51
C VAL B 161 10.20 -12.74 -5.01
N TYR B 162 9.31 -13.06 -5.92
CA TYR B 162 7.91 -13.35 -5.58
C TYR B 162 7.83 -14.45 -4.53
N TYR B 163 8.61 -15.51 -4.72
CA TYR B 163 8.60 -16.63 -3.78
C TYR B 163 9.09 -16.21 -2.41
N ARG B 164 10.15 -15.41 -2.37
CA ARG B 164 10.74 -14.98 -1.10
C ARG B 164 9.79 -14.07 -0.32
N ILE B 165 9.06 -13.22 -1.04
CA ILE B 165 8.07 -12.35 -0.44
C ILE B 165 6.93 -13.17 0.14
N GLN B 166 6.36 -14.04 -0.70
CA GLN B 166 5.27 -14.94 -0.30
C GLN B 166 5.64 -15.79 0.91
N GLU B 167 6.90 -16.21 0.96
CA GLU B 167 7.41 -17.02 2.06
C GLU B 167 7.27 -16.32 3.40
N LYS B 168 7.43 -15.00 3.41
CA LYS B 168 7.32 -14.20 4.63
C LYS B 168 5.88 -13.81 4.93
N SER B 169 5.08 -13.66 3.88
CA SER B 169 3.71 -13.17 4.05
C SER B 169 2.81 -13.53 2.88
N GLN B 170 1.61 -14.01 3.21
CA GLN B 170 0.61 -14.34 2.19
C GLN B 170 -0.20 -13.10 1.79
N THR B 171 0.11 -11.96 2.41
CA THR B 171 -0.60 -10.72 2.12
C THR B 171 0.32 -9.61 1.59
N HIS B 172 1.51 -9.98 1.14
CA HIS B 172 2.41 -9.05 0.48
C HIS B 172 2.76 -9.56 -0.92
N GLY B 173 3.07 -8.63 -1.82
CA GLY B 173 3.48 -8.96 -3.18
C GLY B 173 4.31 -7.84 -3.77
N PHE B 174 4.55 -7.91 -5.08
CA PHE B 174 5.22 -6.84 -5.79
C PHE B 174 4.74 -6.81 -7.24
N PRO B 175 4.42 -5.61 -7.75
CA PRO B 175 3.86 -5.49 -9.10
C PRO B 175 4.94 -5.39 -10.19
N ALA B 176 5.55 -6.52 -10.54
CA ALA B 176 6.49 -6.57 -11.64
C ALA B 176 5.96 -7.46 -12.76
N GLY B 177 6.86 -8.01 -13.58
CA GLY B 177 6.47 -8.82 -14.71
C GLY B 177 5.70 -10.09 -14.39
N LEU B 178 5.02 -10.65 -15.40
CA LEU B 178 4.22 -11.85 -15.22
C LEU B 178 4.87 -13.11 -15.83
N CYS B 179 6.05 -12.93 -16.41
CA CYS B 179 6.90 -14.06 -16.78
C CYS B 179 7.84 -14.27 -15.58
N SER B 180 7.99 -15.51 -15.13
CA SER B 180 8.69 -15.78 -13.87
C SER B 180 10.22 -15.77 -13.96
N SER B 181 10.76 -16.04 -15.16
CA SER B 181 12.21 -16.19 -15.32
C SER B 181 12.94 -14.88 -15.62
N LEU B 182 12.25 -13.76 -15.49
CA LEU B 182 12.85 -12.45 -15.80
C LEU B 182 13.93 -12.10 -14.80
N GLY B 183 15.09 -11.68 -15.28
CA GLY B 183 16.17 -11.26 -14.41
C GLY B 183 15.93 -9.88 -13.83
N ILE B 184 16.13 -9.73 -12.52
CA ILE B 184 15.96 -8.45 -11.85
C ILE B 184 16.82 -7.36 -12.51
N GLY B 185 18.02 -7.74 -12.93
CA GLY B 185 18.97 -6.80 -13.51
C GLY B 185 18.52 -6.08 -14.77
N GLY B 186 17.82 -6.79 -15.64
CA GLY B 186 17.42 -6.21 -16.92
C GLY B 186 15.93 -5.90 -17.03
N HIS B 187 15.17 -6.29 -16.00
CA HIS B 187 13.72 -6.15 -16.02
C HIS B 187 13.21 -4.82 -15.46
N LEU B 188 13.56 -4.52 -14.21
CA LEU B 188 13.05 -3.32 -13.54
C LEU B 188 13.47 -2.03 -14.23
N VAL B 189 14.69 -2.02 -14.77
CA VAL B 189 15.27 -0.83 -15.39
C VAL B 189 14.50 -0.37 -16.63
N GLY B 190 13.66 -1.24 -17.17
CA GLY B 190 12.87 -0.90 -18.33
C GLY B 190 11.47 -0.41 -17.97
N GLY B 191 11.07 -0.62 -16.73
CA GLY B 191 9.75 -0.24 -16.28
C GLY B 191 9.06 -1.35 -15.50
N ALA B 192 8.97 -2.52 -16.13
CA ALA B 192 8.39 -3.72 -15.52
C ALA B 192 6.89 -3.64 -15.24
N TYR B 193 6.10 -3.81 -16.30
CA TYR B 193 4.65 -3.86 -16.16
C TYR B 193 4.24 -5.28 -15.84
N GLY B 194 3.06 -5.44 -15.25
CA GLY B 194 2.55 -6.76 -14.90
C GLY B 194 1.06 -6.74 -14.63
N SER B 195 0.56 -7.82 -14.03
CA SER B 195 -0.88 -7.99 -13.89
C SER B 195 -1.49 -7.12 -12.77
N MET B 196 -0.65 -6.39 -12.04
CA MET B 196 -1.15 -5.53 -10.97
C MET B 196 -0.88 -4.05 -11.20
N MET B 197 -0.47 -3.69 -12.41
CA MET B 197 -0.11 -2.31 -12.71
C MET B 197 -1.29 -1.33 -12.65
N ARG B 198 -2.50 -1.81 -12.92
CA ARG B 198 -3.67 -0.94 -12.91
C ARG B 198 -3.96 -0.47 -11.50
N LYS B 199 -3.42 -1.20 -10.52
CA LYS B 199 -3.61 -0.84 -9.11
C LYS B 199 -2.40 -0.18 -8.49
N PHE B 200 -1.21 -0.73 -8.71
CA PHE B 200 -0.01 -0.22 -8.05
C PHE B 200 0.96 0.50 -9.00
N GLY B 201 0.70 0.42 -10.30
CA GLY B 201 1.62 0.99 -11.28
C GLY B 201 2.74 0.03 -11.60
N LEU B 202 3.77 0.55 -12.28
CA LEU B 202 4.88 -0.28 -12.72
C LEU B 202 5.78 -0.70 -11.56
N GLY B 203 6.63 -1.69 -11.80
CA GLY B 203 7.64 -2.08 -10.85
C GLY B 203 8.55 -0.90 -10.54
N ALA B 204 8.91 -0.15 -11.57
CA ALA B 204 9.77 1.02 -11.41
C ALA B 204 9.08 2.15 -10.64
N ASP B 205 7.75 2.08 -10.55
CA ASP B 205 7.00 3.03 -9.72
C ASP B 205 7.04 2.64 -8.25
N ASN B 206 7.58 1.46 -7.96
CA ASN B 206 7.57 0.92 -6.61
C ASN B 206 8.95 0.53 -6.09
N VAL B 207 9.96 1.33 -6.44
CA VAL B 207 11.31 1.09 -5.95
C VAL B 207 11.72 2.19 -4.96
N LEU B 208 12.67 1.87 -4.08
CA LEU B 208 13.07 2.80 -3.03
C LEU B 208 14.53 3.19 -3.16
N ASP B 209 15.35 2.27 -3.66
CA ASP B 209 16.79 2.47 -3.71
C ASP B 209 17.40 1.50 -4.71
N ALA B 210 18.68 1.65 -4.98
CA ALA B 210 19.38 0.77 -5.91
C ALA B 210 20.87 0.85 -5.67
N ARG B 211 21.60 -0.18 -6.08
CA ARG B 211 23.05 -0.16 -6.00
C ARG B 211 23.61 -0.41 -7.39
N ILE B 212 24.41 0.53 -7.89
CA ILE B 212 24.93 0.44 -9.24
C ILE B 212 26.44 0.61 -9.29
N VAL B 213 27.05 0.08 -10.34
CA VAL B 213 28.47 0.29 -10.61
C VAL B 213 28.60 1.27 -11.76
N ASP B 214 29.34 2.36 -11.54
CA ASP B 214 29.54 3.35 -12.60
C ASP B 214 30.74 3.01 -13.49
N ALA B 215 31.05 3.90 -14.43
CA ALA B 215 32.13 3.66 -15.39
C ALA B 215 33.51 3.69 -14.74
N ASN B 216 33.58 4.16 -13.50
CA ASN B 216 34.84 4.20 -12.78
C ASN B 216 34.99 2.98 -11.87
N GLY B 217 33.98 2.13 -11.83
CA GLY B 217 34.01 0.93 -11.02
C GLY B 217 33.61 1.20 -9.57
N GLN B 218 32.97 2.34 -9.34
CA GLN B 218 32.52 2.69 -8.01
C GLN B 218 31.07 2.27 -7.77
N ILE B 219 30.76 1.89 -6.53
CA ILE B 219 29.40 1.43 -6.19
C ILE B 219 28.58 2.55 -5.55
N LEU B 220 27.49 2.92 -6.21
CA LEU B 220 26.67 4.05 -5.78
C LEU B 220 25.24 3.62 -5.42
N ASP B 221 24.78 3.98 -4.23
CA ASP B 221 23.36 3.83 -3.92
C ASP B 221 22.59 5.07 -4.39
N ARG B 222 21.31 5.17 -4.04
CA ARG B 222 20.50 6.28 -4.52
C ARG B 222 21.05 7.65 -4.11
N ALA B 223 21.43 7.80 -2.85
CA ALA B 223 21.95 9.07 -2.37
C ALA B 223 23.26 9.46 -3.05
N ALA B 224 24.07 8.47 -3.40
CA ALA B 224 25.37 8.71 -4.02
C ALA B 224 25.25 8.96 -5.52
N MET B 225 24.40 8.19 -6.20
CA MET B 225 24.20 8.38 -7.64
C MET B 225 23.49 9.69 -7.94
N GLY B 226 22.69 10.18 -7.00
CA GLY B 226 21.96 11.41 -7.19
C GLY B 226 20.64 11.17 -7.88
N GLU B 227 19.71 12.12 -7.77
CA GLU B 227 18.34 11.90 -8.23
C GLU B 227 18.18 11.76 -9.74
N ASP B 228 19.04 12.44 -10.50
CA ASP B 228 18.97 12.34 -11.96
C ASP B 228 19.20 10.91 -12.45
N VAL B 229 20.33 10.32 -12.05
CA VAL B 229 20.64 8.94 -12.39
C VAL B 229 19.59 7.96 -11.87
N PHE B 230 19.15 8.14 -10.62
CA PHE B 230 18.13 7.25 -10.06
C PHE B 230 16.83 7.33 -10.87
N TRP B 231 16.54 8.52 -11.38
CA TRP B 231 15.39 8.71 -12.28
C TRP B 231 15.61 7.89 -13.56
N ALA B 232 16.79 8.04 -14.15
CA ALA B 232 17.12 7.38 -15.41
C ALA B 232 16.99 5.86 -15.39
N ILE B 233 17.45 5.22 -14.33
CA ILE B 233 17.40 3.76 -14.26
C ILE B 233 15.99 3.22 -13.98
N ARG B 234 15.02 4.13 -13.79
CA ARG B 234 13.64 3.73 -13.57
C ARG B 234 12.81 3.80 -14.87
N GLY B 235 13.33 3.20 -15.94
CA GLY B 235 12.62 3.19 -17.21
C GLY B 235 13.53 3.40 -18.42
N GLY B 236 14.78 3.78 -18.16
CA GLY B 236 15.70 4.08 -19.24
C GLY B 236 16.14 2.87 -20.05
N GLY B 237 15.86 1.67 -19.54
CA GLY B 237 16.30 0.44 -20.19
C GLY B 237 17.70 0.05 -19.75
N GLY B 238 18.04 -1.23 -19.91
CA GLY B 238 19.34 -1.72 -19.47
C GLY B 238 20.49 -1.40 -20.41
N GLY B 239 21.71 -1.49 -19.87
CA GLY B 239 22.91 -1.36 -20.68
C GLY B 239 23.30 0.06 -21.04
N SER B 240 22.64 1.04 -20.41
CA SER B 240 22.93 2.45 -20.71
C SER B 240 23.49 3.21 -19.50
N PHE B 241 22.99 2.90 -18.31
CA PHE B 241 23.33 3.68 -17.13
C PHE B 241 24.02 2.86 -16.03
N GLY B 242 25.09 2.16 -16.39
CA GLY B 242 25.88 1.44 -15.41
C GLY B 242 25.39 0.03 -15.14
N VAL B 243 26.07 -0.68 -14.23
CA VAL B 243 25.70 -2.02 -13.87
C VAL B 243 24.85 -2.04 -12.60
N ILE B 244 23.58 -2.39 -12.73
CA ILE B 244 22.71 -2.54 -11.57
C ILE B 244 23.07 -3.81 -10.82
N LEU B 245 23.56 -3.66 -9.59
CA LEU B 245 23.87 -4.80 -8.74
C LEU B 245 22.62 -5.26 -8.02
N ALA B 246 21.83 -4.31 -7.53
CA ALA B 246 20.65 -4.64 -6.75
C ALA B 246 19.62 -3.51 -6.71
N TRP B 247 18.35 -3.88 -6.57
CA TRP B 247 17.27 -2.92 -6.35
C TRP B 247 16.70 -3.09 -4.96
N LYS B 248 16.25 -2.00 -4.36
CA LYS B 248 15.42 -2.08 -3.16
C LYS B 248 13.98 -1.74 -3.57
N ILE B 249 13.09 -2.71 -3.40
CA ILE B 249 11.70 -2.54 -3.83
C ILE B 249 10.78 -2.30 -2.64
N LYS B 250 9.66 -1.60 -2.89
CA LYS B 250 8.63 -1.44 -1.86
C LYS B 250 7.54 -2.47 -2.08
N LEU B 251 7.22 -3.23 -1.04
CA LEU B 251 6.17 -4.25 -1.13
C LEU B 251 4.78 -3.61 -1.20
N VAL B 252 3.83 -4.34 -1.78
CA VAL B 252 2.45 -3.88 -1.84
C VAL B 252 1.55 -4.94 -1.21
N PRO B 253 0.42 -4.53 -0.63
CA PRO B 253 -0.49 -5.53 -0.07
C PRO B 253 -1.28 -6.29 -1.14
N VAL B 254 -1.47 -7.59 -0.92
CA VAL B 254 -2.34 -8.40 -1.75
C VAL B 254 -3.28 -9.19 -0.83
N PRO B 255 -4.51 -9.47 -1.29
CA PRO B 255 -5.42 -10.22 -0.41
C PRO B 255 -5.02 -11.70 -0.31
N ALA B 256 -5.45 -12.35 0.76
CA ALA B 256 -5.18 -13.77 0.94
C ALA B 256 -5.87 -14.60 -0.15
N THR B 257 -6.90 -14.02 -0.74
CA THR B 257 -7.64 -14.67 -1.81
C THR B 257 -7.65 -13.84 -3.09
N VAL B 258 -7.06 -14.39 -4.14
CA VAL B 258 -7.07 -13.76 -5.45
C VAL B 258 -7.89 -14.64 -6.40
N THR B 259 -8.62 -14.02 -7.32
CA THR B 259 -9.43 -14.77 -8.28
C THR B 259 -8.87 -14.62 -9.68
N VAL B 260 -8.81 -15.73 -10.42
CA VAL B 260 -8.37 -15.72 -11.81
C VAL B 260 -9.41 -16.40 -12.69
N PHE B 261 -9.34 -16.14 -14.00
CA PHE B 261 -10.09 -16.90 -14.98
C PHE B 261 -9.41 -16.87 -16.34
N THR B 262 -9.85 -17.74 -17.23
CA THR B 262 -9.42 -17.71 -18.62
C THR B 262 -10.61 -18.11 -19.47
N VAL B 263 -11.30 -17.11 -20.03
CA VAL B 263 -12.45 -17.37 -20.88
C VAL B 263 -12.07 -17.22 -22.34
N THR B 264 -12.33 -18.27 -23.13
CA THR B 264 -11.91 -18.30 -24.52
C THR B 264 -13.06 -17.99 -25.48
N LYS B 265 -12.78 -17.20 -26.52
CA LYS B 265 -13.78 -16.84 -27.51
C LYS B 265 -13.17 -17.02 -28.91
N THR B 266 -13.93 -17.60 -29.83
CA THR B 266 -13.51 -17.68 -31.22
C THR B 266 -14.32 -16.72 -32.07
N LEU B 267 -13.93 -16.56 -33.34
CA LEU B 267 -14.68 -15.74 -34.28
C LEU B 267 -16.09 -16.27 -34.45
N GLU B 268 -16.24 -17.58 -34.28
CA GLU B 268 -17.54 -18.23 -34.41
C GLU B 268 -18.43 -17.90 -33.22
N GLN B 269 -17.80 -17.47 -32.13
CA GLN B 269 -18.51 -17.10 -30.91
C GLN B 269 -18.58 -15.59 -30.76
N ASP B 270 -18.77 -14.89 -31.88
CA ASP B 270 -18.92 -13.45 -31.89
C ASP B 270 -17.67 -12.77 -31.34
N GLY B 271 -16.50 -13.32 -31.67
CA GLY B 271 -15.24 -12.91 -31.10
C GLY B 271 -14.82 -11.48 -31.37
N THR B 272 -14.96 -11.03 -32.61
CA THR B 272 -14.55 -9.68 -33.00
C THR B 272 -15.30 -8.60 -32.23
N LYS B 273 -16.61 -8.79 -32.11
CA LYS B 273 -17.46 -7.84 -31.38
C LYS B 273 -17.17 -7.83 -29.89
N VAL B 274 -16.93 -9.01 -29.31
CA VAL B 274 -16.58 -9.11 -27.91
C VAL B 274 -15.23 -8.43 -27.65
N LEU B 275 -14.28 -8.62 -28.57
CA LEU B 275 -12.98 -7.96 -28.47
C LEU B 275 -13.10 -6.44 -28.63
N TYR B 276 -13.99 -6.01 -29.52
CA TYR B 276 -14.23 -4.58 -29.70
C TYR B 276 -14.79 -3.98 -28.42
N LYS B 277 -15.64 -4.74 -27.73
CA LYS B 277 -16.19 -4.32 -26.45
C LYS B 277 -15.10 -4.20 -25.39
N TRP B 278 -14.20 -5.18 -25.34
CA TRP B 278 -13.06 -5.18 -24.42
C TRP B 278 -12.25 -3.89 -24.59
N GLU B 279 -11.98 -3.54 -25.83
CA GLU B 279 -11.22 -2.33 -26.14
C GLU B 279 -11.86 -1.09 -25.54
N GLN B 280 -13.18 -1.09 -25.44
CA GLN B 280 -13.92 0.07 -24.96
C GLN B 280 -13.96 0.18 -23.44
N ILE B 281 -13.71 -0.93 -22.73
CA ILE B 281 -13.97 -0.96 -21.29
C ILE B 281 -12.83 -1.47 -20.39
N ALA B 282 -11.90 -2.23 -20.96
CA ALA B 282 -10.86 -2.88 -20.15
C ALA B 282 -10.04 -1.90 -19.31
N ASP B 283 -9.77 -0.72 -19.86
CA ASP B 283 -8.97 0.28 -19.17
C ASP B 283 -9.80 1.06 -18.14
N LYS B 284 -11.11 0.87 -18.16
CA LYS B 284 -12.01 1.60 -17.28
C LYS B 284 -12.49 0.75 -16.11
N LEU B 285 -12.13 -0.54 -16.14
CA LEU B 285 -12.55 -1.48 -15.11
C LEU B 285 -11.94 -1.14 -13.75
N ASP B 286 -12.59 -1.62 -12.69
CA ASP B 286 -12.10 -1.48 -11.31
C ASP B 286 -10.60 -1.74 -11.22
N ASP B 287 -9.91 -0.95 -10.41
CA ASP B 287 -8.45 -1.05 -10.27
C ASP B 287 -7.96 -2.46 -9.94
N ASP B 288 -8.78 -3.24 -9.25
CA ASP B 288 -8.39 -4.57 -8.82
C ASP B 288 -8.45 -5.60 -9.96
N LEU B 289 -9.07 -5.22 -11.08
CA LEU B 289 -9.33 -6.16 -12.17
C LEU B 289 -8.44 -5.93 -13.40
N PHE B 290 -7.63 -6.93 -13.73
CA PHE B 290 -6.74 -6.88 -14.87
C PHE B 290 -7.12 -8.00 -15.85
N ILE B 291 -7.62 -7.62 -17.03
CA ILE B 291 -8.00 -8.61 -18.05
C ILE B 291 -7.19 -8.42 -19.33
N ARG B 292 -6.21 -9.30 -19.55
CA ARG B 292 -5.47 -9.25 -20.80
C ARG B 292 -6.06 -10.22 -21.81
N VAL B 293 -5.86 -9.93 -23.10
CA VAL B 293 -6.34 -10.80 -24.17
C VAL B 293 -5.16 -11.47 -24.86
N ILE B 294 -5.23 -12.79 -25.00
CA ILE B 294 -4.19 -13.55 -25.67
C ILE B 294 -4.78 -14.14 -26.96
N ILE B 295 -4.30 -13.65 -28.09
CA ILE B 295 -4.93 -13.90 -29.39
C ILE B 295 -4.01 -14.70 -30.30
N SER B 296 -4.49 -15.84 -30.78
CA SER B 296 -3.72 -16.72 -31.65
C SER B 296 -4.67 -17.54 -32.51
N PRO B 297 -4.19 -18.06 -33.66
CA PRO B 297 -5.05 -18.91 -34.49
C PRO B 297 -5.33 -20.24 -33.81
N ALA B 298 -6.46 -20.84 -34.14
CA ALA B 298 -6.84 -22.15 -33.61
C ALA B 298 -7.58 -22.95 -34.67
N SER B 299 -7.64 -24.26 -34.50
CA SER B 299 -8.35 -25.12 -35.45
C SER B 299 -9.85 -25.12 -35.18
N LYS B 300 -10.65 -24.99 -36.24
CA LYS B 300 -12.11 -25.10 -36.10
C LYS B 300 -12.65 -26.41 -36.69
N ASN B 306 -10.41 -24.50 -42.39
CA ASN B 306 -9.24 -23.72 -42.04
C ASN B 306 -9.11 -23.48 -40.54
N ARG B 307 -8.25 -22.55 -40.18
CA ARG B 307 -8.13 -22.12 -38.79
C ARG B 307 -9.06 -20.95 -38.54
N THR B 308 -9.24 -20.61 -37.26
CA THR B 308 -9.99 -19.44 -36.86
C THR B 308 -9.13 -18.65 -35.91
N ILE B 309 -9.59 -17.47 -35.51
CA ILE B 309 -8.89 -16.69 -34.51
C ILE B 309 -9.50 -16.98 -33.14
N SER B 310 -8.64 -17.19 -32.15
CA SER B 310 -9.10 -17.48 -30.80
C SER B 310 -8.57 -16.43 -29.82
N MET B 311 -9.47 -15.80 -29.08
CA MET B 311 -9.07 -14.84 -28.05
C MET B 311 -9.25 -15.45 -26.66
N SER B 312 -8.18 -15.47 -25.87
CA SER B 312 -8.26 -15.94 -24.49
C SER B 312 -8.17 -14.77 -23.52
N TYR B 313 -9.26 -14.53 -22.80
CA TYR B 313 -9.30 -13.46 -21.81
C TYR B 313 -8.84 -14.00 -20.47
N GLN B 314 -7.62 -13.65 -20.09
CA GLN B 314 -7.04 -14.13 -18.85
C GLN B 314 -7.02 -12.99 -17.85
N ALA B 315 -7.49 -13.26 -16.63
CA ALA B 315 -7.63 -12.19 -15.66
C ALA B 315 -7.08 -12.51 -14.29
N GLN B 316 -6.60 -11.47 -13.61
CA GLN B 316 -6.24 -11.55 -12.21
C GLN B 316 -7.06 -10.51 -11.46
N PHE B 317 -7.83 -10.96 -10.47
CA PHE B 317 -8.68 -10.07 -9.71
C PHE B 317 -8.31 -10.09 -8.23
N LEU B 318 -7.90 -8.94 -7.70
CA LEU B 318 -7.57 -8.84 -6.28
C LEU B 318 -8.84 -8.79 -5.46
N GLY B 319 -9.53 -9.92 -5.37
CA GLY B 319 -10.78 -10.02 -4.64
C GLY B 319 -11.40 -11.39 -4.83
N ASP B 320 -12.60 -11.57 -4.29
CA ASP B 320 -13.33 -12.83 -4.37
C ASP B 320 -14.07 -12.99 -5.70
N SER B 321 -14.63 -14.19 -5.92
CA SER B 321 -15.32 -14.47 -7.18
C SER B 321 -16.71 -13.84 -7.24
N ASN B 322 -17.41 -13.78 -6.10
CA ASN B 322 -18.72 -13.13 -6.05
C ASN B 322 -18.63 -11.66 -6.43
N ARG B 323 -17.62 -10.97 -5.93
CA ARG B 323 -17.39 -9.56 -6.26
CA ARG B 323 -17.43 -9.55 -6.27
C ARG B 323 -17.01 -9.41 -7.73
N LEU B 324 -16.19 -10.33 -8.22
CA LEU B 324 -15.77 -10.32 -9.61
C LEU B 324 -16.97 -10.42 -10.54
N LEU B 325 -17.84 -11.40 -10.26
CA LEU B 325 -19.05 -11.60 -11.05
C LEU B 325 -19.89 -10.33 -11.07
N GLN B 326 -20.02 -9.69 -9.90
CA GLN B 326 -20.76 -8.45 -9.77
CA GLN B 326 -20.76 -8.45 -9.75
C GLN B 326 -20.19 -7.38 -10.69
N VAL B 327 -18.88 -7.18 -10.61
CA VAL B 327 -18.17 -6.22 -11.44
C VAL B 327 -18.33 -6.53 -12.93
N MET B 328 -18.13 -7.79 -13.29
CA MET B 328 -18.20 -8.22 -14.69
C MET B 328 -19.62 -8.13 -15.27
N GLN B 329 -20.63 -8.42 -14.45
CA GLN B 329 -22.02 -8.36 -14.90
C GLN B 329 -22.39 -6.94 -15.31
N LYS B 330 -21.80 -5.97 -14.61
CA LYS B 330 -22.10 -4.56 -14.84
C LYS B 330 -21.33 -3.98 -16.03
N SER B 331 -20.04 -4.30 -16.11
CA SER B 331 -19.16 -3.67 -17.09
C SER B 331 -18.78 -4.53 -18.30
N PHE B 332 -18.74 -5.85 -18.15
CA PHE B 332 -18.34 -6.72 -19.25
C PHE B 332 -19.16 -8.02 -19.32
N PRO B 333 -20.49 -7.92 -19.40
CA PRO B 333 -21.28 -9.16 -19.46
C PRO B 333 -21.11 -9.91 -20.77
N GLU B 334 -20.61 -9.24 -21.81
CA GLU B 334 -20.41 -9.86 -23.12
C GLU B 334 -19.50 -11.09 -23.05
N LEU B 335 -18.57 -11.08 -22.11
CA LEU B 335 -17.66 -12.20 -21.93
C LEU B 335 -18.40 -13.44 -21.43
N GLY B 336 -19.52 -13.22 -20.73
CA GLY B 336 -20.32 -14.32 -20.23
C GLY B 336 -19.64 -15.09 -19.12
N LEU B 337 -18.84 -14.39 -18.31
CA LEU B 337 -18.11 -15.02 -17.21
C LEU B 337 -19.07 -15.67 -16.23
N THR B 338 -18.78 -16.91 -15.85
CA THR B 338 -19.56 -17.59 -14.82
C THR B 338 -18.67 -17.95 -13.63
N LYS B 339 -19.31 -18.38 -12.54
CA LYS B 339 -18.62 -18.80 -11.33
C LYS B 339 -17.70 -19.98 -11.62
N LYS B 340 -18.13 -20.86 -12.51
CA LYS B 340 -17.37 -22.05 -12.87
C LYS B 340 -16.02 -21.69 -13.48
N ASP B 341 -16.01 -20.59 -14.25
CA ASP B 341 -14.78 -20.12 -14.90
C ASP B 341 -13.77 -19.58 -13.90
N CYS B 342 -14.26 -19.15 -12.74
CA CYS B 342 -13.42 -18.51 -11.74
C CYS B 342 -12.71 -19.51 -10.83
N THR B 343 -11.50 -19.16 -10.42
CA THR B 343 -10.75 -19.97 -9.47
C THR B 343 -10.12 -19.06 -8.41
N GLU B 344 -10.39 -19.36 -7.14
CA GLU B 344 -9.83 -18.60 -6.04
C GLU B 344 -8.56 -19.27 -5.52
N MET B 345 -7.53 -18.47 -5.28
CA MET B 345 -6.23 -18.99 -4.86
C MET B 345 -5.39 -17.91 -4.19
N SER B 346 -4.22 -18.30 -3.67
CA SER B 346 -3.29 -17.34 -3.09
C SER B 346 -2.69 -16.47 -4.19
N TRP B 347 -2.10 -15.34 -3.80
CA TRP B 347 -1.48 -14.43 -4.77
C TRP B 347 -0.36 -15.11 -5.55
N ILE B 348 0.43 -15.94 -4.85
CA ILE B 348 1.54 -16.61 -5.50
C ILE B 348 1.05 -17.66 -6.50
N LYS B 349 -0.08 -18.29 -6.21
CA LYS B 349 -0.66 -19.26 -7.12
C LYS B 349 -1.22 -18.56 -8.35
N SER B 350 -1.79 -17.37 -8.14
CA SER B 350 -2.31 -16.59 -9.25
C SER B 350 -1.16 -16.15 -10.16
N VAL B 351 -0.05 -15.76 -9.55
CA VAL B 351 1.17 -15.43 -10.30
C VAL B 351 1.58 -16.61 -11.19
N MET B 352 1.61 -17.81 -10.61
CA MET B 352 2.00 -18.99 -11.37
C MET B 352 0.96 -19.36 -12.43
N TYR B 353 -0.32 -19.14 -12.09
CA TYR B 353 -1.41 -19.36 -13.05
C TYR B 353 -1.25 -18.46 -14.28
N ILE B 354 -1.10 -17.16 -14.05
CA ILE B 354 -0.96 -16.20 -15.14
C ILE B 354 0.25 -16.53 -16.01
N ALA B 355 1.33 -16.96 -15.38
CA ALA B 355 2.58 -17.24 -16.09
C ALA B 355 2.52 -18.53 -16.91
N GLY B 356 1.50 -19.35 -16.69
CA GLY B 356 1.31 -20.55 -17.49
C GLY B 356 1.70 -21.87 -16.82
N PHE B 357 2.03 -21.82 -15.53
CA PHE B 357 2.38 -23.03 -14.79
C PHE B 357 1.18 -23.98 -14.66
N PRO B 358 1.46 -25.29 -14.61
CA PRO B 358 0.40 -26.26 -14.31
C PRO B 358 -0.08 -26.09 -12.88
N ASN B 359 -1.36 -26.35 -12.61
CA ASN B 359 -1.93 -26.23 -11.27
C ASN B 359 -1.16 -27.08 -10.24
N SER B 360 -0.68 -28.23 -10.67
CA SER B 360 0.04 -29.16 -9.80
C SER B 360 1.40 -28.63 -9.33
N ALA B 361 1.92 -27.61 -10.02
CA ALA B 361 3.24 -27.08 -9.72
C ALA B 361 3.31 -26.33 -8.40
N ALA B 362 4.24 -26.74 -7.54
CA ALA B 362 4.48 -26.07 -6.27
C ALA B 362 5.27 -24.77 -6.50
N PRO B 363 5.03 -23.77 -5.63
CA PRO B 363 5.76 -22.49 -5.69
C PRO B 363 7.28 -22.66 -5.71
N GLU B 364 7.77 -23.76 -5.15
CA GLU B 364 9.20 -24.07 -5.14
C GLU B 364 9.80 -24.10 -6.55
N ALA B 365 8.97 -24.32 -7.56
CA ALA B 365 9.42 -24.34 -8.95
C ALA B 365 9.99 -22.99 -9.39
N LEU B 366 9.52 -21.92 -8.75
CA LEU B 366 9.99 -20.56 -9.06
C LEU B 366 11.48 -20.40 -8.75
N LEU B 367 11.97 -21.21 -7.82
CA LEU B 367 13.36 -21.13 -7.39
C LEU B 367 14.34 -21.60 -8.46
N ALA B 368 13.84 -22.38 -9.41
CA ALA B 368 14.68 -22.87 -10.51
C ALA B 368 15.23 -21.73 -11.35
N GLY B 369 14.45 -20.65 -11.47
CA GLY B 369 14.85 -19.50 -12.26
C GLY B 369 14.93 -19.78 -13.74
N LYS B 370 14.08 -20.70 -14.21
CA LYS B 370 14.08 -21.12 -15.61
C LYS B 370 12.77 -20.81 -16.31
N SER B 371 12.86 -20.39 -17.57
CA SER B 371 11.67 -20.16 -18.39
C SER B 371 10.97 -21.48 -18.66
N LEU B 372 9.72 -21.40 -19.10
CA LEU B 372 8.93 -22.60 -19.34
C LEU B 372 9.34 -23.30 -20.64
N PHE B 373 9.85 -22.52 -21.58
CA PHE B 373 10.30 -23.01 -22.89
C PHE B 373 11.03 -21.90 -23.64
N LYS B 374 11.70 -22.27 -24.74
CA LYS B 374 12.37 -21.28 -25.58
C LYS B 374 11.99 -21.46 -27.05
N ASN B 375 11.82 -20.33 -27.74
CA ASN B 375 11.56 -20.35 -29.18
C ASN B 375 12.48 -19.37 -29.88
N HIS B 376 12.52 -19.47 -31.21
CA HIS B 376 13.03 -18.39 -32.04
C HIS B 376 11.87 -17.41 -32.15
N PHE B 377 12.11 -16.12 -31.99
CA PHE B 377 11.00 -15.17 -32.15
C PHE B 377 11.38 -13.78 -32.62
N LYS B 378 10.41 -13.09 -33.19
CA LYS B 378 10.51 -11.67 -33.50
C LYS B 378 9.35 -10.98 -32.81
N ALA B 379 9.66 -9.94 -32.06
CA ALA B 379 8.64 -9.22 -31.31
C ALA B 379 8.59 -7.74 -31.70
N LYS B 380 7.38 -7.18 -31.65
CA LYS B 380 7.18 -5.75 -31.81
C LYS B 380 6.14 -5.29 -30.80
N SER B 381 5.98 -3.98 -30.61
CA SER B 381 4.99 -3.50 -29.66
C SER B 381 4.28 -2.25 -30.17
N ASP B 382 3.14 -1.94 -29.55
CA ASP B 382 2.34 -0.79 -29.93
C ASP B 382 1.50 -0.35 -28.74
N PHE B 383 1.08 0.92 -28.75
CA PHE B 383 0.12 1.41 -27.76
C PHE B 383 -1.08 1.96 -28.50
N VAL B 384 -2.27 1.77 -27.94
CA VAL B 384 -3.52 2.14 -28.60
C VAL B 384 -4.22 3.27 -27.85
N LYS B 385 -4.50 4.36 -28.55
CA LYS B 385 -5.17 5.52 -27.97
C LYS B 385 -6.65 5.51 -28.33
N GLU B 386 -6.98 4.82 -29.42
CA GLU B 386 -8.35 4.76 -29.91
C GLU B 386 -8.67 3.33 -30.32
N PRO B 387 -9.83 2.82 -29.87
CA PRO B 387 -10.24 1.43 -30.13
C PRO B 387 -10.10 1.04 -31.60
N ILE B 388 -9.44 -0.07 -31.87
CA ILE B 388 -9.33 -0.58 -33.22
C ILE B 388 -10.71 -1.02 -33.68
N PRO B 389 -11.22 -0.39 -34.75
CA PRO B 389 -12.57 -0.71 -35.26
C PRO B 389 -12.65 -2.13 -35.81
N VAL B 390 -13.86 -2.66 -35.98
CA VAL B 390 -14.05 -4.03 -36.43
C VAL B 390 -13.38 -4.32 -37.78
N GLU B 391 -13.44 -3.35 -38.69
CA GLU B 391 -12.81 -3.53 -40.01
C GLU B 391 -11.29 -3.64 -39.89
N GLY B 392 -10.73 -2.97 -38.88
CA GLY B 392 -9.31 -3.08 -38.62
C GLY B 392 -8.97 -4.44 -38.03
N LEU B 393 -9.82 -4.91 -37.13
CA LEU B 393 -9.64 -6.22 -36.51
C LEU B 393 -9.77 -7.33 -37.55
N GLU B 394 -10.73 -7.20 -38.45
CA GLU B 394 -10.94 -8.19 -39.51
C GLU B 394 -9.74 -8.27 -40.45
N GLY B 395 -9.12 -7.12 -40.72
CA GLY B 395 -7.94 -7.08 -41.58
C GLY B 395 -6.75 -7.68 -40.88
N LEU B 396 -6.75 -7.63 -39.55
CA LEU B 396 -5.70 -8.23 -38.75
C LEU B 396 -5.87 -9.75 -38.69
N TRP B 397 -7.12 -10.22 -38.64
CA TRP B 397 -7.37 -11.65 -38.62
C TRP B 397 -6.91 -12.30 -39.93
N GLU B 398 -7.17 -11.61 -41.05
CA GLU B 398 -6.72 -12.07 -42.37
C GLU B 398 -5.22 -12.32 -42.36
N ARG B 399 -4.46 -11.38 -41.81
CA ARG B 399 -3.00 -11.48 -41.79
C ARG B 399 -2.50 -12.57 -40.84
N PHE B 400 -3.24 -12.79 -39.75
CA PHE B 400 -2.88 -13.82 -38.78
C PHE B 400 -3.01 -15.21 -39.40
N LEU B 401 -4.02 -15.41 -40.22
CA LEU B 401 -4.26 -16.71 -40.84
C LEU B 401 -3.29 -17.01 -41.99
N GLU B 402 -2.35 -16.10 -42.23
CA GLU B 402 -1.32 -16.30 -43.24
C GLU B 402 0.01 -16.71 -42.62
N GLU B 403 0.04 -16.79 -41.29
CA GLU B 403 1.27 -17.08 -40.55
C GLU B 403 1.14 -18.36 -39.72
N ASP B 404 2.27 -19.01 -39.45
CA ASP B 404 2.29 -20.26 -38.70
C ASP B 404 1.84 -20.08 -37.25
N SER B 405 2.62 -19.34 -36.47
CA SER B 405 2.35 -19.14 -35.06
C SER B 405 2.37 -17.68 -34.67
N PRO B 406 1.41 -16.89 -35.18
CA PRO B 406 1.37 -15.50 -34.75
C PRO B 406 0.69 -15.41 -33.40
N LEU B 407 1.07 -14.43 -32.60
CA LEU B 407 0.54 -14.29 -31.26
C LEU B 407 0.58 -12.82 -30.88
N THR B 408 -0.54 -12.32 -30.37
CA THR B 408 -0.56 -10.95 -29.85
C THR B 408 -1.23 -10.90 -28.49
N ILE B 409 -0.65 -10.11 -27.60
CA ILE B 409 -1.14 -9.99 -26.23
C ILE B 409 -1.48 -8.52 -25.97
N TRP B 410 -2.73 -8.27 -25.56
CA TRP B 410 -3.20 -6.91 -25.33
C TRP B 410 -3.38 -6.68 -23.84
N ASN B 411 -2.65 -5.71 -23.29
CA ASN B 411 -2.66 -5.46 -21.85
C ASN B 411 -3.31 -4.12 -21.50
N PRO B 412 -4.41 -4.16 -20.73
CA PRO B 412 -5.16 -2.93 -20.44
C PRO B 412 -4.40 -2.01 -19.48
N TYR B 413 -4.42 -0.70 -19.78
CA TYR B 413 -3.86 0.28 -18.85
C TYR B 413 -5.00 0.94 -18.07
N GLY B 414 -4.94 2.26 -17.93
CA GLY B 414 -5.92 2.96 -17.11
C GLY B 414 -5.60 2.73 -15.65
N GLY B 415 -6.55 3.02 -14.77
CA GLY B 415 -6.31 2.90 -13.34
C GLY B 415 -5.14 3.76 -12.90
N MET B 416 -4.24 3.16 -12.13
CA MET B 416 -3.07 3.88 -11.63
C MET B 416 -2.18 4.40 -12.75
N MET B 417 -2.15 3.68 -13.87
CA MET B 417 -1.30 4.05 -15.00
C MET B 417 -1.67 5.40 -15.63
N SER B 418 -2.86 5.89 -15.32
CA SER B 418 -3.31 7.18 -15.81
C SER B 418 -3.15 8.30 -14.77
N ARG B 419 -2.72 7.93 -13.56
CA ARG B 419 -2.59 8.89 -12.47
C ARG B 419 -1.15 9.35 -12.28
N ILE B 420 -0.25 8.74 -13.03
CA ILE B 420 1.17 9.07 -12.96
C ILE B 420 1.57 9.86 -14.21
N SER B 421 2.26 10.97 -14.02
CA SER B 421 2.66 11.83 -15.13
C SER B 421 3.63 11.13 -16.08
N GLU B 422 3.67 11.57 -17.33
CA GLU B 422 4.56 10.99 -18.33
C GLU B 422 6.02 11.16 -17.96
N SER B 423 6.33 12.23 -17.23
CA SER B 423 7.71 12.58 -16.93
C SER B 423 8.18 12.15 -15.53
N GLU B 424 7.28 11.59 -14.75
CA GLU B 424 7.61 11.14 -13.38
C GLU B 424 8.82 10.20 -13.40
N ILE B 425 8.76 9.20 -14.26
CA ILE B 425 9.92 8.35 -14.57
C ILE B 425 10.02 8.27 -16.10
N PRO B 426 11.15 7.73 -16.63
CA PRO B 426 11.30 7.69 -18.08
C PRO B 426 10.20 6.97 -18.87
N PHE B 427 9.57 5.95 -18.29
CA PHE B 427 8.44 5.29 -18.93
C PHE B 427 7.30 6.30 -19.09
N PRO B 428 6.94 6.63 -20.35
CA PRO B 428 6.03 7.74 -20.63
C PRO B 428 4.61 7.31 -21.03
N HIS B 429 4.36 6.01 -21.13
CA HIS B 429 3.08 5.52 -21.62
C HIS B 429 2.02 5.51 -20.51
N ARG B 430 1.33 6.63 -20.34
CA ARG B 430 0.43 6.79 -19.19
C ARG B 430 -1.01 7.14 -19.57
N ASN B 431 -1.50 8.28 -19.09
CA ASN B 431 -2.86 8.74 -19.40
C ASN B 431 -3.05 8.87 -20.90
N GLY B 432 -4.20 8.43 -21.39
CA GLY B 432 -4.45 8.39 -22.83
C GLY B 432 -4.27 7.01 -23.41
N THR B 433 -3.45 6.19 -22.76
CA THR B 433 -3.20 4.82 -23.20
C THR B 433 -4.37 3.90 -22.86
N LEU B 434 -4.98 3.30 -23.87
CA LEU B 434 -6.04 2.33 -23.63
C LEU B 434 -5.44 0.98 -23.25
N PHE B 435 -4.49 0.51 -24.06
CA PHE B 435 -3.81 -0.74 -23.79
C PHE B 435 -2.51 -0.86 -24.58
N LYS B 436 -1.64 -1.75 -24.12
CA LYS B 436 -0.39 -2.04 -24.83
C LYS B 436 -0.49 -3.36 -25.60
N ILE B 437 -0.04 -3.35 -26.85
CA ILE B 437 -0.02 -4.56 -27.66
C ILE B 437 1.39 -5.10 -27.80
N GLN B 438 1.58 -6.39 -27.52
CA GLN B 438 2.82 -7.06 -27.89
C GLN B 438 2.56 -7.90 -29.15
N TRP B 439 3.32 -7.65 -30.21
CA TRP B 439 3.19 -8.45 -31.43
C TRP B 439 4.26 -9.54 -31.43
N LEU B 440 3.87 -10.76 -31.75
CA LEU B 440 4.80 -11.89 -31.76
C LEU B 440 4.62 -12.85 -32.94
N SER B 441 5.74 -13.36 -33.41
CA SER B 441 5.75 -14.50 -34.32
C SER B 441 6.88 -15.41 -33.86
N THR B 442 6.55 -16.66 -33.55
CA THR B 442 7.54 -17.61 -33.04
C THR B 442 7.67 -18.83 -33.95
N TRP B 443 8.83 -19.48 -33.88
CA TRP B 443 9.06 -20.71 -34.63
C TRP B 443 10.13 -21.59 -33.95
N GLN B 444 10.21 -22.84 -34.36
CA GLN B 444 11.09 -23.82 -33.71
C GLN B 444 12.30 -24.18 -34.54
N ASP B 445 12.24 -23.87 -35.83
CA ASP B 445 13.19 -24.46 -36.79
C ASP B 445 14.30 -23.53 -37.28
N GLY B 446 14.46 -22.37 -36.64
CA GLY B 446 15.54 -21.47 -36.99
C GLY B 446 15.50 -20.93 -38.40
N LYS B 447 16.64 -21.02 -39.08
CA LYS B 447 16.82 -20.44 -40.42
C LYS B 447 15.94 -21.09 -41.49
N VAL B 448 15.37 -22.25 -41.17
CA VAL B 448 14.50 -22.94 -42.14
C VAL B 448 13.33 -22.04 -42.55
N SER B 449 12.78 -21.30 -41.60
CA SER B 449 11.62 -20.46 -41.86
C SER B 449 11.75 -19.01 -41.40
N GLU B 450 12.88 -18.67 -40.78
CA GLU B 450 13.07 -17.35 -40.15
C GLU B 450 12.63 -16.14 -40.99
N GLU B 451 13.21 -16.00 -42.18
CA GLU B 451 12.98 -14.81 -42.99
C GLU B 451 11.50 -14.66 -43.39
N ARG B 452 10.81 -15.79 -43.51
CA ARG B 452 9.39 -15.75 -43.83
C ARG B 452 8.58 -15.15 -42.68
N HIS B 453 9.01 -15.44 -41.45
CA HIS B 453 8.33 -14.91 -40.26
C HIS B 453 8.67 -13.43 -40.07
N MET B 454 9.92 -13.07 -40.36
CA MET B 454 10.38 -11.69 -40.25
C MET B 454 9.60 -10.80 -41.22
N LYS B 455 9.41 -11.28 -42.45
CA LYS B 455 8.66 -10.55 -43.46
C LYS B 455 7.20 -10.35 -43.04
N TRP B 456 6.57 -11.41 -42.54
CA TRP B 456 5.17 -11.35 -42.15
C TRP B 456 4.91 -10.28 -41.08
N ILE B 457 5.66 -10.34 -39.99
CA ILE B 457 5.43 -9.44 -38.87
C ILE B 457 5.73 -7.98 -39.23
N ARG B 458 6.65 -7.78 -40.18
CA ARG B 458 6.98 -6.43 -40.63
C ARG B 458 5.86 -5.83 -41.51
N GLU B 459 5.23 -6.68 -42.32
CA GLU B 459 4.07 -6.24 -43.10
C GLU B 459 2.89 -5.94 -42.19
N MET B 460 2.64 -6.82 -41.23
CA MET B 460 1.52 -6.64 -40.30
C MET B 460 1.67 -5.35 -39.51
N TYR B 461 2.89 -5.08 -39.05
CA TYR B 461 3.20 -3.87 -38.28
C TYR B 461 2.97 -2.62 -39.13
N SER B 462 3.23 -2.75 -40.43
CA SER B 462 2.97 -1.66 -41.36
C SER B 462 1.49 -1.42 -41.54
N TYR B 463 0.72 -2.50 -41.56
CA TYR B 463 -0.73 -2.41 -41.70
C TYR B 463 -1.36 -1.77 -40.47
N MET B 464 -0.80 -2.05 -39.30
CA MET B 464 -1.38 -1.57 -38.04
C MET B 464 -1.06 -0.11 -37.72
N GLU B 465 -0.14 0.49 -38.48
CA GLU B 465 0.28 1.87 -38.23
C GLU B 465 -0.89 2.84 -38.14
N GLN B 466 -1.89 2.62 -38.99
CA GLN B 466 -3.05 3.50 -39.09
C GLN B 466 -3.96 3.47 -37.86
N TYR B 467 -3.85 2.43 -37.04
CA TYR B 467 -4.76 2.27 -35.90
C TYR B 467 -4.11 2.54 -34.55
N VAL B 468 -2.78 2.50 -34.49
CA VAL B 468 -2.08 2.65 -33.22
C VAL B 468 -1.59 4.08 -33.03
N SER B 469 -0.91 4.33 -31.91
CA SER B 469 -0.42 5.67 -31.58
C SER B 469 0.49 6.23 -32.67
N LYS B 470 0.46 7.55 -32.83
CA LYS B 470 1.22 8.22 -33.89
C LYS B 470 1.93 9.45 -33.37
N ASN B 471 3.08 9.77 -33.96
CA ASN B 471 3.87 10.96 -33.61
C ASN B 471 4.08 11.17 -32.12
N PRO B 472 4.85 10.28 -31.48
CA PRO B 472 5.51 9.12 -32.08
C PRO B 472 4.66 7.85 -32.00
N ARG B 473 4.97 6.88 -32.86
CA ARG B 473 4.40 5.54 -32.71
C ARG B 473 5.10 4.87 -31.53
N GLN B 474 4.45 4.91 -30.36
CA GLN B 474 5.09 4.51 -29.11
C GLN B 474 5.47 3.03 -29.06
N ALA B 475 6.51 2.73 -28.29
CA ALA B 475 6.96 1.35 -28.11
C ALA B 475 7.53 1.14 -26.71
N TYR B 476 7.44 -0.10 -26.21
CA TYR B 476 7.95 -0.44 -24.88
C TYR B 476 9.43 -0.84 -24.98
N VAL B 477 10.29 -0.15 -24.21
CA VAL B 477 11.73 -0.34 -24.32
C VAL B 477 12.18 -1.76 -23.94
N ASN B 478 11.42 -2.42 -23.08
CA ASN B 478 11.76 -3.79 -22.69
C ASN B 478 11.25 -4.82 -23.70
N TYR B 479 10.56 -4.34 -24.74
CA TYR B 479 10.25 -5.15 -25.91
C TYR B 479 11.13 -4.65 -27.05
N ARG B 480 12.44 -4.90 -26.94
CA ARG B 480 13.43 -4.34 -27.87
C ARG B 480 13.12 -4.65 -29.34
N ASP B 481 13.19 -3.62 -30.18
CA ASP B 481 12.96 -3.77 -31.61
C ASP B 481 14.00 -2.98 -32.40
N LEU B 482 14.98 -3.69 -32.95
CA LEU B 482 16.07 -3.05 -33.69
C LEU B 482 15.60 -2.42 -35.00
N ASP B 483 14.41 -2.82 -35.46
CA ASP B 483 13.85 -2.26 -36.69
C ASP B 483 13.52 -0.77 -36.52
N LEU B 484 13.33 -0.36 -35.27
CA LEU B 484 13.03 1.04 -34.97
C LEU B 484 14.25 1.94 -35.18
N GLY B 485 15.44 1.35 -35.23
CA GLY B 485 16.64 2.12 -35.48
C GLY B 485 17.72 1.91 -34.44
N THR B 486 18.96 2.31 -34.76
CA THR B 486 20.10 2.13 -33.86
C THR B 486 21.01 3.35 -33.84
N ASN B 487 21.94 3.35 -32.87
CA ASN B 487 22.90 4.44 -32.74
C ASN B 487 23.81 4.59 -33.95
N GLU B 488 24.53 3.53 -34.29
CA GLU B 488 25.45 3.53 -35.42
C GLU B 488 24.74 3.38 -36.77
N GLY B 489 23.43 3.17 -36.72
CA GLY B 489 22.64 3.00 -37.93
C GLY B 489 22.18 4.29 -38.57
N GLU B 490 21.54 4.16 -39.73
CA GLU B 490 21.05 5.31 -40.50
C GLU B 490 20.03 6.14 -39.74
N THR B 491 19.21 5.47 -38.93
CA THR B 491 18.11 6.11 -38.22
C THR B 491 18.60 6.98 -37.06
N ASP B 492 18.16 8.23 -37.02
CA ASP B 492 18.55 9.16 -35.96
C ASP B 492 17.97 8.72 -34.61
N ALA B 493 18.78 8.81 -33.56
CA ALA B 493 18.40 8.34 -32.23
C ALA B 493 17.17 9.06 -31.66
N ARG B 494 16.93 10.28 -32.14
CA ARG B 494 15.75 11.03 -31.72
C ARG B 494 14.47 10.35 -32.18
N GLU B 495 14.52 9.69 -33.34
CA GLU B 495 13.32 9.03 -33.85
C GLU B 495 12.93 7.82 -33.00
N TRP B 496 13.85 6.87 -32.82
CA TRP B 496 13.54 5.71 -31.99
C TRP B 496 13.51 6.04 -30.49
N GLY B 497 14.26 7.06 -30.09
CA GLY B 497 14.24 7.53 -28.71
C GLY B 497 12.88 8.07 -28.33
N ALA B 498 12.26 8.79 -29.26
CA ALA B 498 10.92 9.33 -29.04
C ALA B 498 9.88 8.20 -28.92
N LYS B 499 10.09 7.12 -29.66
CA LYS B 499 9.16 6.01 -29.61
C LYS B 499 9.16 5.32 -28.24
N TYR B 500 10.35 5.04 -27.72
CA TYR B 500 10.49 4.39 -26.41
C TYR B 500 10.16 5.32 -25.25
N TYR B 501 10.63 6.57 -25.32
CA TYR B 501 10.62 7.46 -24.16
C TYR B 501 9.77 8.73 -24.31
N LYS B 502 9.27 8.98 -25.51
CA LYS B 502 8.55 10.23 -25.81
C LYS B 502 9.37 11.43 -25.38
N GLY B 503 8.76 12.33 -24.62
CA GLY B 503 9.41 13.58 -24.24
C GLY B 503 10.49 13.44 -23.18
N ASN B 504 10.70 12.22 -22.69
CA ASN B 504 11.71 11.98 -21.66
C ASN B 504 13.11 11.72 -22.23
N PHE B 505 13.19 11.51 -23.54
CA PHE B 505 14.45 11.18 -24.19
C PHE B 505 15.51 12.26 -23.99
N GLU B 506 15.09 13.52 -24.11
CA GLU B 506 15.99 14.66 -24.00
C GLU B 506 16.70 14.68 -22.63
N ARG B 507 15.96 14.35 -21.58
CA ARG B 507 16.53 14.36 -20.23
C ARG B 507 17.44 13.14 -20.01
N LEU B 508 17.05 12.00 -20.58
CA LEU B 508 17.86 10.78 -20.49
C LEU B 508 19.24 10.99 -21.11
N VAL B 509 19.25 11.62 -22.27
CA VAL B 509 20.50 11.87 -23.00
C VAL B 509 21.40 12.82 -22.21
N LYS B 510 20.79 13.84 -21.62
CA LYS B 510 21.53 14.81 -20.81
C LYS B 510 22.22 14.13 -19.63
N ILE B 511 21.50 13.24 -18.96
CA ILE B 511 22.04 12.51 -17.82
C ILE B 511 23.13 11.52 -18.26
N LYS B 512 22.87 10.80 -19.35
CA LYS B 512 23.84 9.87 -19.92
C LYS B 512 25.18 10.57 -20.19
N GLY B 513 25.11 11.79 -20.71
CA GLY B 513 26.31 12.56 -21.01
C GLY B 513 27.08 12.95 -19.77
N GLU B 514 26.37 13.15 -18.68
CA GLU B 514 26.98 13.53 -17.40
C GLU B 514 27.52 12.32 -16.65
N PHE B 515 26.79 11.21 -16.74
CA PHE B 515 27.11 10.00 -15.97
C PHE B 515 28.18 9.12 -16.64
N ASP B 516 28.00 8.87 -17.93
CA ASP B 516 28.91 8.02 -18.69
C ASP B 516 29.38 8.74 -19.95
N PRO B 517 30.23 9.77 -19.78
CA PRO B 517 30.66 10.60 -20.91
C PRO B 517 31.54 9.85 -21.90
N ASP B 518 32.17 8.77 -21.46
CA ASP B 518 33.04 7.98 -22.32
C ASP B 518 32.24 6.91 -23.05
N ASN B 519 30.93 6.89 -22.79
CA ASN B 519 30.01 5.93 -23.40
C ASN B 519 30.48 4.48 -23.25
N PHE B 520 30.92 4.12 -22.05
CA PHE B 520 31.39 2.76 -21.79
C PHE B 520 30.24 1.75 -21.79
N PHE B 521 29.10 2.14 -21.22
CA PHE B 521 27.92 1.28 -21.24
C PHE B 521 27.07 1.61 -22.46
N ARG B 522 27.13 0.74 -23.46
CA ARG B 522 26.46 1.03 -24.72
C ARG B 522 26.06 -0.25 -25.46
N HIS B 523 25.13 -0.09 -26.39
CA HIS B 523 24.78 -1.14 -27.35
C HIS B 523 24.03 -0.50 -28.51
N GLU B 524 23.35 -1.31 -29.30
CA GLU B 524 22.69 -0.83 -30.52
C GLU B 524 21.62 0.22 -30.24
N GLN B 525 20.97 0.14 -29.08
CA GLN B 525 19.94 1.11 -28.72
C GLN B 525 20.13 1.68 -27.32
N SER B 526 21.38 1.83 -26.90
CA SER B 526 21.65 2.49 -25.64
C SER B 526 21.43 3.99 -25.80
N VAL B 527 21.07 4.65 -24.71
CA VAL B 527 20.92 6.11 -24.72
C VAL B 527 22.27 6.72 -25.04
N PRO B 528 22.32 7.55 -26.10
CA PRO B 528 23.60 8.15 -26.52
C PRO B 528 23.99 9.32 -25.60
N THR B 529 25.25 9.76 -25.70
CA THR B 529 25.74 10.84 -24.85
C THR B 529 25.33 12.21 -25.39
N LYS B 530 24.81 12.23 -26.61
CA LYS B 530 24.37 13.47 -27.24
C LYS B 530 23.44 13.16 -28.41
N ILE B 531 22.71 14.18 -28.87
CA ILE B 531 21.84 14.03 -30.03
C ILE B 531 22.08 15.15 -31.03
N GLY B 532 22.00 14.81 -32.32
CA GLY B 532 22.27 15.77 -33.39
C GLY B 532 22.71 15.07 -34.66
C1 NAG C . -15.04 39.05 23.56
C2 NAG C . -15.89 40.09 22.88
C3 NAG C . -17.37 39.88 23.14
C4 NAG C . -17.80 38.41 23.18
C5 NAG C . -16.73 37.45 23.70
C6 NAG C . -17.06 36.00 23.35
C7 NAG C . -14.79 42.25 22.66
C8 NAG C . -13.91 43.21 23.41
N2 NAG C . -15.50 41.40 23.40
O3 NAG C . -18.10 40.52 22.12
O4 NAG C . -18.92 38.30 24.02
O5 NAG C . -15.47 37.76 23.16
O6 NAG C . -17.43 35.92 21.99
O7 NAG C . -14.84 42.26 21.43
C1 NAG C . -20.06 37.87 23.26
C2 NAG C . -21.20 37.49 24.22
C3 NAG C . -22.40 36.96 23.44
C4 NAG C . -22.74 37.87 22.26
C5 NAG C . -21.52 38.28 21.45
C6 NAG C . -21.90 39.30 20.38
C7 NAG C . -21.41 36.17 26.26
C8 NAG C . -21.80 34.72 26.41
N2 NAG C . -20.73 36.49 25.16
O3 NAG C . -23.52 36.89 24.28
O4 NAG C . -23.65 37.20 21.42
O5 NAG C . -20.50 38.80 22.29
O6 NAG C . -22.85 40.19 20.91
O7 NAG C . -21.71 36.98 27.13
C1 NAG D . 34.73 -29.59 -21.11
C2 NAG D . 35.58 -30.80 -20.76
C3 NAG D . 34.81 -32.09 -20.97
C4 NAG D . 33.41 -32.02 -20.36
C5 NAG D . 32.70 -30.71 -20.69
C6 NAG D . 31.39 -30.61 -19.90
C7 NAG D . 37.98 -31.04 -21.02
C8 NAG D . 39.18 -30.93 -21.92
N2 NAG D . 36.79 -30.81 -21.57
O3 NAG D . 35.53 -33.14 -20.37
O4 NAG D . 32.63 -33.10 -20.84
O5 NAG D . 33.53 -29.61 -20.37
O6 NAG D . 31.65 -30.73 -18.52
O7 NAG D . 38.12 -31.34 -19.84
C1 NAG D . 32.50 -34.09 -19.81
C2 NAG D . 31.23 -34.90 -20.07
C3 NAG D . 31.09 -36.08 -19.11
C4 NAG D . 32.40 -36.82 -18.93
C5 NAG D . 33.56 -35.86 -18.67
C6 NAG D . 34.89 -36.60 -18.57
C7 NAG D . 29.47 -33.59 -21.10
C8 NAG D . 28.38 -32.57 -20.91
N2 NAG D . 30.08 -34.01 -19.99
O3 NAG D . 30.13 -36.98 -19.61
O4 NAG D . 32.29 -37.72 -17.84
O5 NAG D . 33.64 -34.92 -19.71
O6 NAG D . 35.40 -36.83 -19.86
O7 NAG D . 29.77 -33.98 -22.21
PA FAD E . -7.81 15.14 20.13
O1A FAD E . -7.93 15.44 21.61
O2A FAD E . -7.95 16.26 19.13
O5B FAD E . -6.42 14.38 19.88
C5B FAD E . -6.12 13.15 20.53
C4B FAD E . -4.61 12.98 20.71
O4B FAD E . -3.94 12.98 19.45
C3B FAD E . -4.00 14.12 21.51
O3B FAD E . -2.94 13.61 22.32
C2B FAD E . -3.40 15.05 20.48
O2B FAD E . -2.21 15.65 20.99
C1B FAD E . -3.12 14.13 19.30
N9A FAD E . -3.42 14.79 18.01
C8A FAD E . -4.54 15.49 17.72
N7A FAD E . -4.50 15.95 16.44
C5A FAD E . -3.34 15.53 15.89
C6A FAD E . -2.67 15.67 14.58
N6A FAD E . -3.24 16.35 13.58
N1A FAD E . -1.45 15.08 14.43
C2A FAD E . -0.87 14.39 15.43
N3A FAD E . -1.43 14.23 16.64
C4A FAD E . -2.63 14.77 16.93
N1 FAD E . -11.89 5.37 19.29
C2 FAD E . -12.06 4.39 18.38
O2 FAD E . -11.04 3.92 17.82
N3 FAD E . -13.27 3.91 18.05
C4 FAD E . -14.38 4.37 18.62
O4 FAD E . -15.51 3.90 18.31
C4X FAD E . -14.28 5.44 19.62
N5 FAD E . -15.35 5.95 20.25
C5X FAD E . -15.25 7.16 20.85
C6 FAD E . -16.41 7.87 21.15
C7 FAD E . -16.31 9.12 21.77
C7M FAD E . -17.58 9.86 22.07
C8 FAD E . -14.98 9.69 22.12
C8M FAD E . -14.86 11.04 22.76
C9 FAD E . -13.82 8.95 21.81
C9A FAD E . -13.91 7.71 21.20
N10 FAD E . -12.77 6.95 20.88
C10 FAD E . -12.93 5.92 19.93
C1' FAD E . -11.43 7.44 21.21
C2' FAD E . -10.83 8.32 20.11
O2' FAD E . -10.32 7.49 19.07
C3' FAD E . -9.68 9.09 20.74
O3' FAD E . -10.20 9.93 21.76
C4' FAD E . -8.94 9.92 19.69
O4' FAD E . -7.64 10.29 20.21
C5' FAD E . -9.74 11.15 19.34
O5' FAD E . -9.04 11.99 18.41
P FAD E . -9.42 13.55 18.38
O1P FAD E . -10.92 13.67 18.40
O2P FAD E . -8.61 14.23 17.32
O3P FAD E . -8.91 14.01 19.85
C1 NAG F . -5.03 -17.56 17.79
C2 NAG F . -3.94 -18.61 17.60
C3 NAG F . -4.35 -20.00 18.10
C4 NAG F . -5.02 -19.92 19.47
C5 NAG F . -6.12 -18.86 19.46
C6 NAG F . -6.78 -18.75 20.83
C7 NAG F . -2.37 -18.37 15.76
C8 NAG F . -2.20 -18.18 14.28
N2 NAG F . -3.58 -18.69 16.19
O3 NAG F . -3.21 -20.81 18.21
O4 NAG F . -5.59 -21.17 19.78
O5 NAG F . -5.57 -17.60 19.10
O6 NAG F . -5.82 -18.53 21.83
O7 NAG F . -1.41 -18.20 16.53
C48 PE5 G . -24.87 10.63 29.23
C50 PE5 G . -24.01 9.44 29.62
O1 PE5 G . -23.04 9.31 28.59
C1 PE5 G . -21.95 8.58 29.12
C2 PE5 G . -20.95 8.42 27.97
O2 PE5 G . -19.68 8.76 28.47
C3 PE5 G . -19.46 10.13 28.17
C4 PE5 G . -18.01 10.24 27.69
O3 PE5 G . -18.04 10.08 26.29
C5 PE5 G . -17.11 9.07 25.93
C6 PE5 G . -17.83 7.73 26.04
O4 PE5 G . -17.69 7.06 24.82
C7 PE5 G . -18.98 6.97 24.23
C8 PE5 G . -19.69 5.79 24.88
O5 PE5 G . -21.07 6.13 24.96
C9 PE5 G . -21.80 5.13 24.29
C10 PE5 G . -23.26 5.59 24.25
O6 PE5 G . -23.93 4.67 23.43
C11 PE5 G . -24.45 5.38 22.33
C12 PE5 G . -25.55 4.53 21.72
O7 PE5 G . -26.64 4.55 22.62
C13 PE5 G . -27.76 3.97 21.99
C14 PE5 G . -28.08 2.67 22.71
O8 PE5 G . -28.32 2.97 24.06
C15 PE5 G . -28.56 1.76 24.75
C16 PE5 G . -28.84 2.11 26.22
O52 PE5 G . -27.58 2.51 26.73
NA NA H . 8.88 7.29 33.67
PA FAD I . 18.82 -9.65 -20.09
O1A FAD I . 18.99 -10.07 -21.53
O2A FAD I . 19.67 -10.28 -19.02
O5B FAD I . 19.00 -8.05 -20.01
C5B FAD I . 18.20 -7.19 -20.81
C4B FAD I . 18.91 -5.87 -21.09
O4B FAD I . 19.32 -5.26 -19.87
C3B FAD I . 20.17 -6.08 -21.92
O3B FAD I . 20.36 -4.92 -22.74
C2B FAD I . 21.27 -6.11 -20.90
O2B FAD I . 22.49 -5.61 -21.44
C1B FAD I . 20.75 -5.20 -19.79
N9A FAD I . 21.16 -5.67 -18.44
C8A FAD I . 21.20 -6.93 -17.98
N7A FAD I . 21.62 -6.96 -16.69
C5A FAD I . 21.86 -5.70 -16.30
C6A FAD I . 22.32 -5.03 -15.07
N6A FAD I . 22.63 -5.72 -13.95
N1A FAD I . 22.43 -3.67 -15.11
C2A FAD I . 22.13 -2.96 -16.21
N3A FAD I . 21.71 -3.50 -17.36
C4A FAD I . 21.56 -4.84 -17.47
N1 FAD I . 8.49 -7.30 -19.39
C2 FAD I . 7.59 -6.75 -18.57
O2 FAD I . 7.79 -5.58 -18.15
N3 FAD I . 6.49 -7.40 -18.15
C4 FAD I . 6.21 -8.64 -18.55
O4 FAD I . 5.18 -9.22 -18.16
C4X FAD I . 7.16 -9.31 -19.48
N5 FAD I . 6.97 -10.56 -19.93
C5X FAD I . 7.99 -11.25 -20.45
C6 FAD I . 7.91 -12.64 -20.57
C7 FAD I . 8.98 -13.36 -21.09
C7M FAD I . 8.86 -14.86 -21.23
C8 FAD I . 10.22 -12.66 -21.54
C8M FAD I . 11.40 -13.43 -22.10
C9 FAD I . 10.30 -11.27 -21.42
C9A FAD I . 9.23 -10.54 -20.89
N10 FAD I . 9.29 -9.13 -20.75
C10 FAD I . 8.35 -8.53 -19.88
C1' FAD I . 10.46 -8.35 -21.17
C2' FAD I . 11.54 -8.20 -20.12
O2' FAD I . 11.16 -7.20 -19.18
C3' FAD I . 12.83 -7.76 -20.82
O3' FAD I . 13.26 -8.80 -21.69
C4' FAD I . 13.92 -7.49 -19.81
O4' FAD I . 14.98 -6.74 -20.43
C5' FAD I . 14.47 -8.80 -19.27
O5' FAD I . 15.59 -8.60 -18.43
P FAD I . 16.63 -9.80 -18.28
O1P FAD I . 15.84 -11.08 -18.12
O2P FAD I . 17.67 -9.42 -17.26
O3P FAD I . 17.26 -9.85 -19.76
C1 NAG J . -6.39 11.90 -18.38
C2 NAG J . -6.84 12.43 -17.02
C3 NAG J . -8.24 13.01 -17.03
C4 NAG J . -8.43 13.97 -18.20
C5 NAG J . -8.01 13.29 -19.50
C6 NAG J . -8.11 14.28 -20.66
C7 NAG J . -6.06 11.58 -14.87
C8 NAG J . -6.22 10.55 -13.81
N2 NAG J . -6.74 11.39 -16.00
O3 NAG J . -8.48 13.71 -15.83
O4 NAG J . -9.79 14.36 -18.28
O5 NAG J . -6.67 12.84 -19.40
O6 NAG J . -6.99 15.12 -20.66
O7 NAG J . -5.32 12.55 -14.71
C48 PE5 K . 5.78 -22.40 -27.53
C50 PE5 K . 4.95 -21.30 -28.18
O1 PE5 K . 4.72 -20.34 -27.15
C1 PE5 K . 5.04 -19.07 -27.69
C2 PE5 K . 5.20 -18.12 -26.50
O2 PE5 K . 5.89 -16.97 -26.97
C3 PE5 K . 7.27 -17.25 -26.91
C4 PE5 K . 7.97 -15.98 -27.37
O3 PE5 K . 9.05 -15.75 -26.48
C5 PE5 K . 8.51 -15.45 -25.20
C6 PE5 K . 8.32 -13.94 -25.12
O4 PE5 K . 6.93 -13.69 -25.21
C7 PE5 K . 6.32 -14.13 -24.00
C8 PE5 K . 4.84 -14.25 -24.28
O5 PE5 K . 4.36 -15.30 -23.47
C9 PE5 K . 3.05 -15.64 -23.91
C10 PE5 K . 2.64 -16.86 -23.10
O6 PE5 K . 1.31 -16.64 -22.70
C11 PE5 K . 1.12 -17.35 -21.50
C12 PE5 K . -0.36 -17.64 -21.41
O7 PE5 K . -0.54 -18.68 -20.47
C13 PE5 K . -1.31 -19.68 -21.09
C14 PE5 K . -2.75 -19.19 -21.16
O8 PE5 K . -3.35 -19.71 -22.33
C15 PE5 K . -2.92 -18.93 -23.43
C16 PE5 K . -3.24 -19.71 -24.72
O52 PE5 K . -2.38 -19.16 -25.68
K K L . 25.75 -18.04 -15.90
NA NA M . 21.69 6.39 -35.69
NA NA N . -15.16 -21.36 -9.27
#